data_261D
# 
_entry.id   261D 
# 
_audit_conform.dict_name       mmcif_pdbx.dic 
_audit_conform.dict_version    5.387 
_audit_conform.dict_location   http://mmcif.pdb.org/dictionaries/ascii/mmcif_pdbx.dic 
# 
loop_
_database_2.database_id 
_database_2.database_code 
_database_2.pdbx_database_accession 
_database_2.pdbx_DOI 
PDB   261D         pdb_0000261d 10.2210/pdb261d/pdb 
RCSB  GDJ046       ?            ?                   
WWPDB D_1000177673 ?            ?                   
# 
loop_
_pdbx_audit_revision_history.ordinal 
_pdbx_audit_revision_history.data_content_type 
_pdbx_audit_revision_history.major_revision 
_pdbx_audit_revision_history.minor_revision 
_pdbx_audit_revision_history.revision_date 
1 'Structure model' 1 0 1997-04-22 
2 'Structure model' 1 1 2008-05-22 
3 'Structure model' 1 2 2011-07-13 
4 'Structure model' 1 3 2018-04-04 
5 'Structure model' 1 4 2024-02-14 
# 
_pdbx_audit_revision_details.ordinal             1 
_pdbx_audit_revision_details.revision_ordinal    1 
_pdbx_audit_revision_details.data_content_type   'Structure model' 
_pdbx_audit_revision_details.provider            repository 
_pdbx_audit_revision_details.type                'Initial release' 
_pdbx_audit_revision_details.description         ? 
_pdbx_audit_revision_details.details             ? 
# 
loop_
_pdbx_audit_revision_group.ordinal 
_pdbx_audit_revision_group.revision_ordinal 
_pdbx_audit_revision_group.data_content_type 
_pdbx_audit_revision_group.group 
1 2 'Structure model' 'Version format compliance' 
2 3 'Structure model' 'Version format compliance' 
3 4 'Structure model' 'Data collection'           
4 5 'Structure model' 'Data collection'           
5 5 'Structure model' 'Database references'       
6 5 'Structure model' 'Derived calculations'      
# 
loop_
_pdbx_audit_revision_category.ordinal 
_pdbx_audit_revision_category.revision_ordinal 
_pdbx_audit_revision_category.data_content_type 
_pdbx_audit_revision_category.category 
1 4 'Structure model' diffrn_source  
2 5 'Structure model' chem_comp_atom 
3 5 'Structure model' chem_comp_bond 
4 5 'Structure model' database_2     
5 5 'Structure model' struct_site    
# 
loop_
_pdbx_audit_revision_item.ordinal 
_pdbx_audit_revision_item.revision_ordinal 
_pdbx_audit_revision_item.data_content_type 
_pdbx_audit_revision_item.item 
1 4 'Structure model' '_diffrn_source.type'                 
2 5 'Structure model' '_database_2.pdbx_DOI'                
3 5 'Structure model' '_database_2.pdbx_database_accession' 
4 5 'Structure model' '_struct_site.pdbx_auth_asym_id'      
5 5 'Structure model' '_struct_site.pdbx_auth_comp_id'      
6 5 'Structure model' '_struct_site.pdbx_auth_seq_id'       
# 
_pdbx_database_status.status_code                     REL 
_pdbx_database_status.entry_id                        261D 
_pdbx_database_status.recvd_initial_deposition_date   1996-11-08 
_pdbx_database_status.deposit_site                    NDB 
_pdbx_database_status.process_site                    NDB 
_pdbx_database_status.SG_entry                        . 
_pdbx_database_status.pdb_format_compatible           Y 
_pdbx_database_status.status_code_mr                  ? 
_pdbx_database_status.status_code_sf                  ? 
_pdbx_database_status.status_code_cs                  ? 
_pdbx_database_status.methods_development_category    ? 
_pdbx_database_status.status_code_nmr_data            ? 
# 
loop_
_audit_author.name 
_audit_author.pdbx_ordinal 
'Nunn, C.M.' 1 
'Garman, E.' 2 
'Neidle, S.' 3 
# 
_citation.id                        primary 
_citation.title                     
'Crystal structure of the DNA decamer d(CGCAATTGCG) complexed with the minor groove binding drug netropsin.' 
_citation.journal_abbrev            Biochemistry 
_citation.journal_volume            36 
_citation.page_first                4792 
_citation.page_last                 4799 
_citation.year                      1997 
_citation.journal_id_ASTM           BICHAW 
_citation.country                   US 
_citation.journal_id_ISSN           0006-2960 
_citation.journal_id_CSD            0033 
_citation.book_publisher            ? 
_citation.pdbx_database_id_PubMed   9125500 
_citation.pdbx_database_id_DOI      10.1021/bi9628228 
# 
loop_
_citation_author.citation_id 
_citation_author.name 
_citation_author.ordinal 
_citation_author.identifier_ORCID 
primary 'Nunn, C.M.' 1 ? 
primary 'Garman, E.' 2 ? 
primary 'Neidle, S.' 3 ? 
# 
loop_
_entity.id 
_entity.type 
_entity.src_method 
_entity.pdbx_description 
_entity.formula_weight 
_entity.pdbx_number_of_molecules 
_entity.pdbx_ec 
_entity.pdbx_mutation 
_entity.pdbx_fragment 
_entity.details 
1 polymer     syn 
;DNA (5'-D(*CP*GP*CP*AP*AP*TP*TP*GP*CP*G)-3')
;
3045.005 2  ? ? ? ? 
2 non-polymer syn NETROPSIN                                      430.464  1  ? ? ? ? 
3 water       nat water                                          18.015   85 ? ? ? ? 
# 
_entity_poly.entity_id                      1 
_entity_poly.type                           polydeoxyribonucleotide 
_entity_poly.nstd_linkage                   no 
_entity_poly.nstd_monomer                   no 
_entity_poly.pdbx_seq_one_letter_code       '(DC)(DG)(DC)(DA)(DA)(DT)(DT)(DG)(DC)(DG)' 
_entity_poly.pdbx_seq_one_letter_code_can   CGCAATTGCG 
_entity_poly.pdbx_strand_id                 A,B 
_entity_poly.pdbx_target_identifier         ? 
# 
loop_
_pdbx_entity_nonpoly.entity_id 
_pdbx_entity_nonpoly.name 
_pdbx_entity_nonpoly.comp_id 
2 NETROPSIN NT  
3 water     HOH 
# 
loop_
_entity_poly_seq.entity_id 
_entity_poly_seq.num 
_entity_poly_seq.mon_id 
_entity_poly_seq.hetero 
1 1  DC n 
1 2  DG n 
1 3  DC n 
1 4  DA n 
1 5  DA n 
1 6  DT n 
1 7  DT n 
1 8  DG n 
1 9  DC n 
1 10 DG n 
# 
loop_
_chem_comp.id 
_chem_comp.type 
_chem_comp.mon_nstd_flag 
_chem_comp.name 
_chem_comp.pdbx_synonyms 
_chem_comp.formula 
_chem_comp.formula_weight 
DA  'DNA linking' y "2'-DEOXYADENOSINE-5'-MONOPHOSPHATE" ? 'C10 H14 N5 O6 P' 331.222 
DC  'DNA linking' y "2'-DEOXYCYTIDINE-5'-MONOPHOSPHATE"  ? 'C9 H14 N3 O7 P'  307.197 
DG  'DNA linking' y "2'-DEOXYGUANOSINE-5'-MONOPHOSPHATE" ? 'C10 H14 N5 O7 P' 347.221 
DT  'DNA linking' y "THYMIDINE-5'-MONOPHOSPHATE"         ? 'C10 H15 N2 O8 P' 322.208 
HOH non-polymer   . WATER                                ? 'H2 O'            18.015  
NT  non-polymer   . NETROPSIN                            ? 'C18 H26 N10 O3'  430.464 
# 
loop_
_pdbx_poly_seq_scheme.asym_id 
_pdbx_poly_seq_scheme.entity_id 
_pdbx_poly_seq_scheme.seq_id 
_pdbx_poly_seq_scheme.mon_id 
_pdbx_poly_seq_scheme.ndb_seq_num 
_pdbx_poly_seq_scheme.pdb_seq_num 
_pdbx_poly_seq_scheme.auth_seq_num 
_pdbx_poly_seq_scheme.pdb_mon_id 
_pdbx_poly_seq_scheme.auth_mon_id 
_pdbx_poly_seq_scheme.pdb_strand_id 
_pdbx_poly_seq_scheme.pdb_ins_code 
_pdbx_poly_seq_scheme.hetero 
A 1 1  DC 1  1  1  DC C A . n 
A 1 2  DG 2  2  2  DG G A . n 
A 1 3  DC 3  3  3  DC C A . n 
A 1 4  DA 4  4  4  DA A A . n 
A 1 5  DA 5  5  5  DA A A . n 
A 1 6  DT 6  6  6  DT T A . n 
A 1 7  DT 7  7  7  DT T A . n 
A 1 8  DG 8  8  8  DG G A . n 
A 1 9  DC 9  9  9  DC C A . n 
A 1 10 DG 10 10 10 DG G A . n 
B 1 1  DC 1  11 ?  ?  ? B . n 
B 1 2  DG 2  12 12 DG G B . n 
B 1 3  DC 3  13 13 DC C B . n 
B 1 4  DA 4  14 14 DA A B . n 
B 1 5  DA 5  15 15 DA A B . n 
B 1 6  DT 6  16 16 DT T B . n 
B 1 7  DT 7  17 17 DT T B . n 
B 1 8  DG 8  18 18 DG G B . n 
B 1 9  DC 9  19 19 DC C B . n 
B 1 10 DG 10 20 20 DG G B . n 
# 
loop_
_pdbx_nonpoly_scheme.asym_id 
_pdbx_nonpoly_scheme.entity_id 
_pdbx_nonpoly_scheme.mon_id 
_pdbx_nonpoly_scheme.ndb_seq_num 
_pdbx_nonpoly_scheme.pdb_seq_num 
_pdbx_nonpoly_scheme.auth_seq_num 
_pdbx_nonpoly_scheme.pdb_mon_id 
_pdbx_nonpoly_scheme.auth_mon_id 
_pdbx_nonpoly_scheme.pdb_strand_id 
_pdbx_nonpoly_scheme.pdb_ins_code 
C 2 NT  1  21  21  NT  NT  B . 
D 3 HOH 1  23  23  HOH HOH A . 
D 3 HOH 2  24  24  HOH HOH A . 
D 3 HOH 3  25  25  HOH HOH A . 
D 3 HOH 4  27  27  HOH HOH A . 
D 3 HOH 5  29  29  HOH HOH A . 
D 3 HOH 6  32  32  HOH HOH A . 
D 3 HOH 7  34  34  HOH HOH A . 
D 3 HOH 8  37  37  HOH HOH A . 
D 3 HOH 9  38  38  HOH HOH A . 
D 3 HOH 10 39  39  HOH HOH A . 
D 3 HOH 11 40  40  HOH HOH A . 
D 3 HOH 12 41  41  HOH HOH A . 
D 3 HOH 13 43  43  HOH HOH A . 
D 3 HOH 14 46  46  HOH HOH A . 
D 3 HOH 15 47  47  HOH HOH A . 
D 3 HOH 16 48  48  HOH HOH A . 
D 3 HOH 17 49  49  HOH HOH A . 
D 3 HOH 18 50  50  HOH HOH A . 
D 3 HOH 19 51  51  HOH HOH A . 
D 3 HOH 20 52  52  HOH HOH A . 
D 3 HOH 21 54  54  HOH HOH A . 
D 3 HOH 22 56  56  HOH HOH A . 
D 3 HOH 23 57  57  HOH HOH A . 
D 3 HOH 24 59  59  HOH HOH A . 
D 3 HOH 25 60  60  HOH HOH A . 
D 3 HOH 26 61  61  HOH HOH A . 
D 3 HOH 27 62  62  HOH HOH A . 
D 3 HOH 28 66  66  HOH HOH A . 
D 3 HOH 29 67  67  HOH HOH A . 
D 3 HOH 30 69  69  HOH HOH A . 
D 3 HOH 31 71  71  HOH HOH A . 
D 3 HOH 32 78  78  HOH HOH A . 
D 3 HOH 33 79  79  HOH HOH A . 
D 3 HOH 34 84  84  HOH HOH A . 
D 3 HOH 35 88  88  HOH HOH A . 
D 3 HOH 36 90  90  HOH HOH A . 
D 3 HOH 37 94  94  HOH HOH A . 
D 3 HOH 38 95  95  HOH HOH A . 
D 3 HOH 39 98  98  HOH HOH A . 
D 3 HOH 40 99  99  HOH HOH A . 
D 3 HOH 41 100 100 HOH HOH A . 
D 3 HOH 42 106 106 HOH HOH A . 
E 3 HOH 1  22  22  HOH HOH B . 
E 3 HOH 2  26  26  HOH HOH B . 
E 3 HOH 3  28  28  HOH HOH B . 
E 3 HOH 4  30  30  HOH HOH B . 
E 3 HOH 5  31  31  HOH HOH B . 
E 3 HOH 6  33  33  HOH HOH B . 
E 3 HOH 7  35  35  HOH HOH B . 
E 3 HOH 8  36  36  HOH HOH B . 
E 3 HOH 9  42  42  HOH HOH B . 
E 3 HOH 10 44  44  HOH HOH B . 
E 3 HOH 11 45  45  HOH HOH B . 
E 3 HOH 12 53  53  HOH HOH B . 
E 3 HOH 13 55  55  HOH HOH B . 
E 3 HOH 14 58  58  HOH HOH B . 
E 3 HOH 15 63  63  HOH HOH B . 
E 3 HOH 16 64  64  HOH HOH B . 
E 3 HOH 17 65  65  HOH HOH B . 
E 3 HOH 18 68  68  HOH HOH B . 
E 3 HOH 19 70  70  HOH HOH B . 
E 3 HOH 20 72  72  HOH HOH B . 
E 3 HOH 21 73  73  HOH HOH B . 
E 3 HOH 22 74  74  HOH HOH B . 
E 3 HOH 23 75  75  HOH HOH B . 
E 3 HOH 24 76  76  HOH HOH B . 
E 3 HOH 25 77  77  HOH HOH B . 
E 3 HOH 26 80  80  HOH HOH B . 
E 3 HOH 27 81  81  HOH HOH B . 
E 3 HOH 28 82  82  HOH HOH B . 
E 3 HOH 29 83  83  HOH HOH B . 
E 3 HOH 30 85  85  HOH HOH B . 
E 3 HOH 31 86  86  HOH HOH B . 
E 3 HOH 32 87  87  HOH HOH B . 
E 3 HOH 33 89  89  HOH HOH B . 
E 3 HOH 34 91  91  HOH HOH B . 
E 3 HOH 35 92  92  HOH HOH B . 
E 3 HOH 36 93  93  HOH HOH B . 
E 3 HOH 37 96  96  HOH HOH B . 
E 3 HOH 38 97  97  HOH HOH B . 
E 3 HOH 39 101 101 HOH HOH B . 
E 3 HOH 40 102 102 HOH HOH B . 
E 3 HOH 41 103 103 HOH HOH B . 
E 3 HOH 42 104 104 HOH HOH B . 
E 3 HOH 43 105 105 HOH HOH B . 
# 
loop_
_pdbx_unobs_or_zero_occ_atoms.id 
_pdbx_unobs_or_zero_occ_atoms.PDB_model_num 
_pdbx_unobs_or_zero_occ_atoms.polymer_flag 
_pdbx_unobs_or_zero_occ_atoms.occupancy_flag 
_pdbx_unobs_or_zero_occ_atoms.auth_asym_id 
_pdbx_unobs_or_zero_occ_atoms.auth_comp_id 
_pdbx_unobs_or_zero_occ_atoms.auth_seq_id 
_pdbx_unobs_or_zero_occ_atoms.PDB_ins_code 
_pdbx_unobs_or_zero_occ_atoms.auth_atom_id 
_pdbx_unobs_or_zero_occ_atoms.label_alt_id 
_pdbx_unobs_or_zero_occ_atoms.label_asym_id 
_pdbx_unobs_or_zero_occ_atoms.label_comp_id 
_pdbx_unobs_or_zero_occ_atoms.label_seq_id 
_pdbx_unobs_or_zero_occ_atoms.label_atom_id 
1 1 Y 1 B DG 12 ? P   ? B DG 2 P   
2 1 Y 1 B DG 12 ? OP1 ? B DG 2 OP1 
3 1 Y 1 B DG 12 ? OP2 ? B DG 2 OP2 
# 
loop_
_software.name 
_software.classification 
_software.version 
_software.citation_id 
_software.pdbx_ordinal 
XDS    'data scaling'   . ? 1 
X-PLOR refinement       . ? 2 
XDS    'data reduction' . ? 3 
# 
_cell.entry_id           261D 
_cell.length_a           24.840 
_cell.length_b           39.800 
_cell.length_c           54.080 
_cell.angle_alpha        90.00 
_cell.angle_beta         90.00 
_cell.angle_gamma        90.00 
_cell.Z_PDB              8 
_cell.pdbx_unique_axis   ? 
# 
_symmetry.entry_id                         261D 
_symmetry.space_group_name_H-M             'P 21 21 21' 
_symmetry.pdbx_full_space_group_name_H-M   ? 
_symmetry.cell_setting                     ? 
_symmetry.Int_Tables_number                19 
# 
_exptl.entry_id          261D 
_exptl.method            'X-RAY DIFFRACTION' 
_exptl.crystals_number   ? 
# 
_exptl_crystal.id                    1 
_exptl_crystal.density_meas          ? 
_exptl_crystal.density_percent_sol   41.60 
_exptl_crystal.density_Matthews      2.11 
_exptl_crystal.description           ? 
# 
_exptl_crystal_grow.crystal_id      1 
_exptl_crystal_grow.method          'VAPOR DIFFUSION, SITTING DROP' 
_exptl_crystal_grow.temp            291.00 
_exptl_crystal_grow.temp_details    ? 
_exptl_crystal_grow.pH              7.00 
_exptl_crystal_grow.pdbx_details    'pH 7.00, VAPOR DIFFUSION, SITTING DROP, temperature 291.00K' 
_exptl_crystal_grow.pdbx_pH_range   . 
# 
loop_
_exptl_crystal_grow_comp.crystal_id 
_exptl_crystal_grow_comp.id 
_exptl_crystal_grow_comp.sol_id 
_exptl_crystal_grow_comp.name 
_exptl_crystal_grow_comp.volume 
_exptl_crystal_grow_comp.conc 
_exptl_crystal_grow_comp.details 
1 1 1 WATER           ? ? ? 
1 2 1 MPD             ? ? ? 
1 3 1 'NA CACODYLATE' ? ? ? 
1 4 2 WATER           ? ? ? 
1 5 2 MPD             ? ? ? 
1 6 2 'NA CACODYLATE' ? ? ? 
# 
_diffrn.id                     1 
_diffrn.ambient_temp           ? 
_diffrn.ambient_temp_details   ? 
_diffrn.crystal_id             1 
# 
_diffrn_detector.diffrn_id              1 
_diffrn_detector.detector               'AREA DETECTOR' 
_diffrn_detector.type                   SIEMENS 
_diffrn_detector.pdbx_collection_date   1994-10-12 
_diffrn_detector.details                ? 
# 
_diffrn_radiation.diffrn_id                        1 
_diffrn_radiation.wavelength_id                    1 
_diffrn_radiation.pdbx_monochromatic_or_laue_m_l   M 
_diffrn_radiation.monochromator                    GRAPHITE 
_diffrn_radiation.pdbx_diffrn_protocol             'SINGLE WAVELENGTH' 
_diffrn_radiation.pdbx_scattering_type             x-ray 
# 
_diffrn_radiation_wavelength.id           1 
_diffrn_radiation_wavelength.wavelength   . 
_diffrn_radiation_wavelength.wt           1.0 
# 
_diffrn_source.diffrn_id                   1 
_diffrn_source.source                      'ROTATING ANODE' 
_diffrn_source.type                        'RIGAKU RU200' 
_diffrn_source.pdbx_synchrotron_site       ? 
_diffrn_source.pdbx_synchrotron_beamline   ? 
_diffrn_source.pdbx_wavelength             ? 
_diffrn_source.pdbx_wavelength_list        ? 
# 
_reflns.entry_id                     261D 
_reflns.observed_criterion_sigma_I   ? 
_reflns.observed_criterion_sigma_F   ? 
_reflns.d_resolution_low             ? 
_reflns.d_resolution_high            2.400 
_reflns.number_obs                   1864 
_reflns.number_all                   4063 
_reflns.percent_possible_obs         82.000 
_reflns.pdbx_Rmerge_I_obs            0.03 
_reflns.pdbx_Rsym_value              ? 
_reflns.pdbx_netI_over_sigmaI        ? 
_reflns.B_iso_Wilson_estimate        ? 
_reflns.pdbx_redundancy              ? 
_reflns.R_free_details               ? 
_reflns.pdbx_diffrn_id               1 
_reflns.pdbx_ordinal                 1 
# 
_refine.entry_id                                 261D 
_refine.ls_number_reflns_obs                     1773 
_refine.ls_number_reflns_all                     ? 
_refine.pdbx_ls_sigma_I                          ? 
_refine.pdbx_ls_sigma_F                          2.000 
_refine.pdbx_data_cutoff_high_absF               ? 
_refine.pdbx_data_cutoff_low_absF                ? 
_refine.pdbx_data_cutoff_high_rms_absF           ? 
_refine.ls_d_res_low                             8.000 
_refine.ls_d_res_high                            2.400 
_refine.ls_percent_reflns_obs                    ? 
_refine.ls_R_factor_obs                          0.201 
_refine.ls_R_factor_all                          ? 
_refine.ls_R_factor_R_work                       0.201 
_refine.ls_R_factor_R_free                       ? 
_refine.ls_R_factor_R_free_error                 ? 
_refine.ls_R_factor_R_free_error_details         ? 
_refine.ls_percent_reflns_R_free                 ? 
_refine.ls_number_reflns_R_free                  ? 
_refine.ls_number_parameters                     ? 
_refine.ls_number_restraints                     ? 
_refine.occupancy_min                            ? 
_refine.occupancy_max                            ? 
_refine.B_iso_mean                               ? 
_refine.aniso_B[1][1]                            ? 
_refine.aniso_B[2][2]                            ? 
_refine.aniso_B[3][3]                            ? 
_refine.aniso_B[1][2]                            ? 
_refine.aniso_B[1][3]                            ? 
_refine.aniso_B[2][3]                            ? 
_refine.solvent_model_details                    ? 
_refine.solvent_model_param_ksol                 ? 
_refine.solvent_model_param_bsol                 ? 
_refine.pdbx_ls_cross_valid_method               ? 
_refine.details                                  
'NUCLEIC ACID RNA-DNA PARAMETER FILE: G. PARKINSON ET AL. (1996) ACTA CRYST. D52, 57-64' 
_refine.pdbx_starting_model                      ? 
_refine.pdbx_method_to_determine_struct          ? 
_refine.pdbx_isotropic_thermal_model             ? 
_refine.pdbx_stereochemistry_target_values       ? 
_refine.pdbx_stereochem_target_val_spec_case     ? 
_refine.pdbx_R_Free_selection_details            ? 
_refine.pdbx_overall_ESU_R                       ? 
_refine.pdbx_overall_ESU_R_Free                  ? 
_refine.overall_SU_ML                            ? 
_refine.overall_SU_B                             ? 
_refine.ls_redundancy_reflns_obs                 ? 
_refine.correlation_coeff_Fo_to_Fc               ? 
_refine.correlation_coeff_Fo_to_Fc_free          ? 
_refine.pdbx_solvent_vdw_probe_radii             ? 
_refine.pdbx_solvent_ion_probe_radii             ? 
_refine.pdbx_solvent_shrinkage_radii             ? 
_refine.overall_SU_R_Cruickshank_DPI             ? 
_refine.overall_SU_R_free                        ? 
_refine.pdbx_refine_id                           'X-RAY DIFFRACTION' 
_refine.pdbx_diffrn_id                           1 
_refine.pdbx_TLS_residual_ADP_flag               ? 
_refine.pdbx_overall_phase_error                 ? 
_refine.pdbx_overall_SU_R_free_Cruickshank_DPI   ? 
_refine.pdbx_overall_SU_R_Blow_DPI               ? 
_refine.pdbx_overall_SU_R_free_Blow_DPI          ? 
# 
_refine_hist.pdbx_refine_id                   'X-RAY DIFFRACTION' 
_refine_hist.cycle_id                         LAST 
_refine_hist.pdbx_number_atoms_protein        0 
_refine_hist.pdbx_number_atoms_nucleic_acid   385 
_refine_hist.pdbx_number_atoms_ligand         31 
_refine_hist.number_atoms_solvent             85 
_refine_hist.number_atoms_total               501 
_refine_hist.d_res_high                       2.400 
_refine_hist.d_res_low                        8.000 
# 
loop_
_refine_ls_restr.type 
_refine_ls_restr.dev_ideal 
_refine_ls_restr.dev_ideal_target 
_refine_ls_restr.weight 
_refine_ls_restr.number 
_refine_ls_restr.pdbx_refine_id 
_refine_ls_restr.pdbx_restraint_function 
x_bond_d                0.018 ? ? ? 'X-RAY DIFFRACTION' ? 
x_bond_d_na             ?     ? ? ? 'X-RAY DIFFRACTION' ? 
x_bond_d_prot           ?     ? ? ? 'X-RAY DIFFRACTION' ? 
x_angle_d               ?     ? ? ? 'X-RAY DIFFRACTION' ? 
x_angle_d_na            ?     ? ? ? 'X-RAY DIFFRACTION' ? 
x_angle_d_prot          ?     ? ? ? 'X-RAY DIFFRACTION' ? 
x_angle_deg             2.80  ? ? ? 'X-RAY DIFFRACTION' ? 
x_angle_deg_na          ?     ? ? ? 'X-RAY DIFFRACTION' ? 
x_angle_deg_prot        ?     ? ? ? 'X-RAY DIFFRACTION' ? 
x_dihedral_angle_d      ?     ? ? ? 'X-RAY DIFFRACTION' ? 
x_dihedral_angle_d_na   ?     ? ? ? 'X-RAY DIFFRACTION' ? 
x_dihedral_angle_d_prot ?     ? ? ? 'X-RAY DIFFRACTION' ? 
x_improper_angle_d      ?     ? ? ? 'X-RAY DIFFRACTION' ? 
x_improper_angle_d_na   ?     ? ? ? 'X-RAY DIFFRACTION' ? 
x_improper_angle_d_prot ?     ? ? ? 'X-RAY DIFFRACTION' ? 
x_mcbond_it             ?     ? ? ? 'X-RAY DIFFRACTION' ? 
x_mcangle_it            ?     ? ? ? 'X-RAY DIFFRACTION' ? 
x_scbond_it             ?     ? ? ? 'X-RAY DIFFRACTION' ? 
x_scangle_it            ?     ? ? ? 'X-RAY DIFFRACTION' ? 
# 
_pdbx_xplor_file.serial_no        1 
_pdbx_xplor_file.param_file       NDB_PARAMETER_FILE.DNA 
_pdbx_xplor_file.topol_file       NDB_TOPOLOGY_FILE.DNA 
_pdbx_xplor_file.pdbx_refine_id   'X-RAY DIFFRACTION' 
# 
_struct.entry_id                  261D 
_struct.title                     
'CRYSTAL STRUCTURE OF THE DNA DECAMER D(CGCAATTGCG) COMPLEXED WITH THE MINOR GROOVE BINDING DRUG NETROPSIN' 
_struct.pdbx_model_details        ? 
_struct.pdbx_CASP_flag            ? 
_struct.pdbx_model_type_details   ? 
# 
_struct_keywords.entry_id        261D 
_struct_keywords.pdbx_keywords   DNA 
_struct_keywords.text            
'B-DNA, DOUBLE HELIX, FLIPPED-OUT BASES, INTERMOLECULAR BASE TRIPLET, CONTINUOUS HELIX, COMPLEXED WITH DRUG, DNA' 
# 
loop_
_struct_asym.id 
_struct_asym.pdbx_blank_PDB_chainid_flag 
_struct_asym.pdbx_modified 
_struct_asym.entity_id 
_struct_asym.details 
A N N 1 ? 
B N N 1 ? 
C N N 2 ? 
D N N 3 ? 
E N N 3 ? 
# 
_struct_ref.id                         1 
_struct_ref.entity_id                  1 
_struct_ref.db_name                    PDB 
_struct_ref.db_code                    261D 
_struct_ref.pdbx_db_accession          261D 
_struct_ref.pdbx_db_isoform            ? 
_struct_ref.pdbx_seq_one_letter_code   ? 
_struct_ref.pdbx_align_begin           ? 
# 
loop_
_struct_ref_seq.align_id 
_struct_ref_seq.ref_id 
_struct_ref_seq.pdbx_PDB_id_code 
_struct_ref_seq.pdbx_strand_id 
_struct_ref_seq.seq_align_beg 
_struct_ref_seq.pdbx_seq_align_beg_ins_code 
_struct_ref_seq.seq_align_end 
_struct_ref_seq.pdbx_seq_align_end_ins_code 
_struct_ref_seq.pdbx_db_accession 
_struct_ref_seq.db_align_beg 
_struct_ref_seq.pdbx_db_align_beg_ins_code 
_struct_ref_seq.db_align_end 
_struct_ref_seq.pdbx_db_align_end_ins_code 
_struct_ref_seq.pdbx_auth_seq_align_beg 
_struct_ref_seq.pdbx_auth_seq_align_end 
1 1 261D A 1 ? 10 ? 261D 1  ? 10 ? 1  10 
2 1 261D B 1 ? 10 ? 261D 11 ? 20 ? 11 20 
# 
_pdbx_struct_assembly.id                   1 
_pdbx_struct_assembly.details              author_defined_assembly 
_pdbx_struct_assembly.method_details       ? 
_pdbx_struct_assembly.oligomeric_details   dimeric 
_pdbx_struct_assembly.oligomeric_count     2 
# 
_pdbx_struct_assembly_gen.assembly_id       1 
_pdbx_struct_assembly_gen.oper_expression   1 
_pdbx_struct_assembly_gen.asym_id_list      A,B,C,D,E 
# 
_pdbx_struct_oper_list.id                   1 
_pdbx_struct_oper_list.type                 'identity operation' 
_pdbx_struct_oper_list.name                 1_555 
_pdbx_struct_oper_list.symmetry_operation   x,y,z 
_pdbx_struct_oper_list.matrix[1][1]         1.0000000000 
_pdbx_struct_oper_list.matrix[1][2]         0.0000000000 
_pdbx_struct_oper_list.matrix[1][3]         0.0000000000 
_pdbx_struct_oper_list.vector[1]            0.0000000000 
_pdbx_struct_oper_list.matrix[2][1]         0.0000000000 
_pdbx_struct_oper_list.matrix[2][2]         1.0000000000 
_pdbx_struct_oper_list.matrix[2][3]         0.0000000000 
_pdbx_struct_oper_list.vector[2]            0.0000000000 
_pdbx_struct_oper_list.matrix[3][1]         0.0000000000 
_pdbx_struct_oper_list.matrix[3][2]         0.0000000000 
_pdbx_struct_oper_list.matrix[3][3]         1.0000000000 
_pdbx_struct_oper_list.vector[3]            0.0000000000 
# 
_struct_biol.id                    1 
_struct_biol.pdbx_parent_biol_id   ? 
_struct_biol.details               ? 
# 
loop_
_struct_conn.id 
_struct_conn.conn_type_id 
_struct_conn.pdbx_leaving_atom_flag 
_struct_conn.pdbx_PDB_id 
_struct_conn.ptnr1_label_asym_id 
_struct_conn.ptnr1_label_comp_id 
_struct_conn.ptnr1_label_seq_id 
_struct_conn.ptnr1_label_atom_id 
_struct_conn.pdbx_ptnr1_label_alt_id 
_struct_conn.pdbx_ptnr1_PDB_ins_code 
_struct_conn.pdbx_ptnr1_standard_comp_id 
_struct_conn.ptnr1_symmetry 
_struct_conn.ptnr2_label_asym_id 
_struct_conn.ptnr2_label_comp_id 
_struct_conn.ptnr2_label_seq_id 
_struct_conn.ptnr2_label_atom_id 
_struct_conn.pdbx_ptnr2_label_alt_id 
_struct_conn.pdbx_ptnr2_PDB_ins_code 
_struct_conn.ptnr1_auth_asym_id 
_struct_conn.ptnr1_auth_comp_id 
_struct_conn.ptnr1_auth_seq_id 
_struct_conn.ptnr2_auth_asym_id 
_struct_conn.ptnr2_auth_comp_id 
_struct_conn.ptnr2_auth_seq_id 
_struct_conn.ptnr2_symmetry 
_struct_conn.pdbx_ptnr3_label_atom_id 
_struct_conn.pdbx_ptnr3_label_seq_id 
_struct_conn.pdbx_ptnr3_label_comp_id 
_struct_conn.pdbx_ptnr3_label_asym_id 
_struct_conn.pdbx_ptnr3_label_alt_id 
_struct_conn.pdbx_ptnr3_PDB_ins_code 
_struct_conn.details 
_struct_conn.pdbx_dist_value 
_struct_conn.pdbx_value_order 
_struct_conn.pdbx_role 
hydrog1  hydrog ? ? A DG 2 N1 ? ? ? 1_555 B DC 9 N3 ? ? A DG 2 B DC 19 1_555 ? ? ? ? ? ? WATSON-CRICK ? ? ? 
hydrog2  hydrog ? ? A DG 2 N2 ? ? ? 1_555 B DC 9 O2 ? ? A DG 2 B DC 19 1_555 ? ? ? ? ? ? WATSON-CRICK ? ? ? 
hydrog3  hydrog ? ? A DG 2 O6 ? ? ? 1_555 B DC 9 N4 ? ? A DG 2 B DC 19 1_555 ? ? ? ? ? ? WATSON-CRICK ? ? ? 
hydrog4  hydrog ? ? A DC 3 N3 ? ? ? 1_555 B DG 8 N1 ? ? A DC 3 B DG 18 1_555 ? ? ? ? ? ? WATSON-CRICK ? ? ? 
hydrog5  hydrog ? ? A DC 3 N4 ? ? ? 1_555 B DG 8 O6 ? ? A DC 3 B DG 18 1_555 ? ? ? ? ? ? WATSON-CRICK ? ? ? 
hydrog6  hydrog ? ? A DC 3 O2 ? ? ? 1_555 B DG 8 N2 ? ? A DC 3 B DG 18 1_555 ? ? ? ? ? ? WATSON-CRICK ? ? ? 
hydrog7  hydrog ? ? A DA 4 N1 ? ? ? 1_555 B DT 7 N3 ? ? A DA 4 B DT 17 1_555 ? ? ? ? ? ? WATSON-CRICK ? ? ? 
hydrog8  hydrog ? ? A DA 4 N6 ? ? ? 1_555 B DT 7 O4 ? ? A DA 4 B DT 17 1_555 ? ? ? ? ? ? WATSON-CRICK ? ? ? 
hydrog9  hydrog ? ? A DA 5 N1 ? ? ? 1_555 B DT 6 N3 ? ? A DA 5 B DT 16 1_555 ? ? ? ? ? ? WATSON-CRICK ? ? ? 
hydrog10 hydrog ? ? A DA 5 N6 ? ? ? 1_555 B DT 6 O4 ? ? A DA 5 B DT 16 1_555 ? ? ? ? ? ? WATSON-CRICK ? ? ? 
hydrog11 hydrog ? ? A DT 6 N3 ? ? ? 1_555 B DA 5 N1 ? ? A DT 6 B DA 15 1_555 ? ? ? ? ? ? WATSON-CRICK ? ? ? 
hydrog12 hydrog ? ? A DT 6 O4 ? ? ? 1_555 B DA 5 N6 ? ? A DT 6 B DA 15 1_555 ? ? ? ? ? ? WATSON-CRICK ? ? ? 
hydrog13 hydrog ? ? A DT 7 N3 ? ? ? 1_555 B DA 4 N1 ? ? A DT 7 B DA 14 1_555 ? ? ? ? ? ? WATSON-CRICK ? ? ? 
hydrog14 hydrog ? ? A DT 7 O4 ? ? ? 1_555 B DA 4 N6 ? ? A DT 7 B DA 14 1_555 ? ? ? ? ? ? WATSON-CRICK ? ? ? 
hydrog15 hydrog ? ? A DG 8 N1 ? ? ? 1_555 B DC 3 N3 ? ? A DG 8 B DC 13 1_555 ? ? ? ? ? ? WATSON-CRICK ? ? ? 
hydrog16 hydrog ? ? A DG 8 N2 ? ? ? 1_555 B DC 3 O2 ? ? A DG 8 B DC 13 1_555 ? ? ? ? ? ? WATSON-CRICK ? ? ? 
hydrog17 hydrog ? ? A DG 8 O6 ? ? ? 1_555 B DC 3 N4 ? ? A DG 8 B DC 13 1_555 ? ? ? ? ? ? WATSON-CRICK ? ? ? 
hydrog18 hydrog ? ? A DC 9 N3 ? ? ? 1_555 B DG 2 N1 ? ? A DC 9 B DG 12 1_555 ? ? ? ? ? ? WATSON-CRICK ? ? ? 
hydrog19 hydrog ? ? A DC 9 N4 ? ? ? 1_555 B DG 2 O6 ? ? A DC 9 B DG 12 1_555 ? ? ? ? ? ? WATSON-CRICK ? ? ? 
hydrog20 hydrog ? ? A DC 9 O2 ? ? ? 1_555 B DG 2 N2 ? ? A DC 9 B DG 12 1_555 ? ? ? ? ? ? WATSON-CRICK ? ? ? 
# 
_struct_conn_type.id          hydrog 
_struct_conn_type.criteria    ? 
_struct_conn_type.reference   ? 
# 
loop_
_struct_site.id 
_struct_site.pdbx_evidence_code 
_struct_site.pdbx_auth_asym_id 
_struct_site.pdbx_auth_comp_id 
_struct_site.pdbx_auth_seq_id 
_struct_site.pdbx_auth_ins_code 
_struct_site.pdbx_num_residues 
_struct_site.details 
AC1                 Software B NT 21 ? 18 'BINDING SITE FOR RESIDUE NT B 21' 
'DRUG BINDING SITE' ?        ? ?  ?  ? ?  ?                                  
# 
loop_
_struct_site_gen.id 
_struct_site_gen.site_id 
_struct_site_gen.pdbx_num_res 
_struct_site_gen.label_comp_id 
_struct_site_gen.label_asym_id 
_struct_site_gen.label_seq_id 
_struct_site_gen.pdbx_auth_ins_code 
_struct_site_gen.auth_comp_id 
_struct_site_gen.auth_asym_id 
_struct_site_gen.auth_seq_id 
_struct_site_gen.label_atom_id 
_struct_site_gen.label_alt_id 
_struct_site_gen.symmetry 
_struct_site_gen.details 
1  AC1 18 DA  A 5  ? DA  A 5  . ? 1_555 ? 
2  AC1 18 DT  A 6  ? DT  A 6  . ? 1_555 ? 
3  AC1 18 DT  A 7  ? DT  A 7  . ? 1_555 ? 
4  AC1 18 DG  A 8  ? DG  A 8  . ? 1_555 ? 
5  AC1 18 DG  A 10 ? DG  A 10 . ? 2_555 ? 
6  AC1 18 HOH D .  ? HOH A 27 . ? 3_655 ? 
7  AC1 18 HOH D .  ? HOH A 39 . ? 1_555 ? 
8  AC1 18 DA  B 4  ? DA  B 14 . ? 1_555 ? 
9  AC1 18 DA  B 5  ? DA  B 15 . ? 1_555 ? 
10 AC1 18 DT  B 6  ? DT  B 16 . ? 1_555 ? 
11 AC1 18 DT  B 7  ? DT  B 17 . ? 1_555 ? 
12 AC1 18 DG  B 8  ? DG  B 18 . ? 1_555 ? 
13 AC1 18 DC  B 9  ? DC  B 19 . ? 1_555 ? 
14 AC1 18 DG  B 10 ? DG  B 20 . ? 2_554 ? 
15 AC1 18 HOH E .  ? HOH B 30 . ? 1_555 ? 
16 AC1 18 HOH E .  ? HOH B 36 . ? 1_555 ? 
17 AC1 18 HOH E .  ? HOH B 53 . ? 2_554 ? 
18 AC1 18 HOH E .  ? HOH B 87 . ? 1_555 ? 
# 
loop_
_pdbx_validate_rmsd_angle.id 
_pdbx_validate_rmsd_angle.PDB_model_num 
_pdbx_validate_rmsd_angle.auth_atom_id_1 
_pdbx_validate_rmsd_angle.auth_asym_id_1 
_pdbx_validate_rmsd_angle.auth_comp_id_1 
_pdbx_validate_rmsd_angle.auth_seq_id_1 
_pdbx_validate_rmsd_angle.PDB_ins_code_1 
_pdbx_validate_rmsd_angle.label_alt_id_1 
_pdbx_validate_rmsd_angle.auth_atom_id_2 
_pdbx_validate_rmsd_angle.auth_asym_id_2 
_pdbx_validate_rmsd_angle.auth_comp_id_2 
_pdbx_validate_rmsd_angle.auth_seq_id_2 
_pdbx_validate_rmsd_angle.PDB_ins_code_2 
_pdbx_validate_rmsd_angle.label_alt_id_2 
_pdbx_validate_rmsd_angle.auth_atom_id_3 
_pdbx_validate_rmsd_angle.auth_asym_id_3 
_pdbx_validate_rmsd_angle.auth_comp_id_3 
_pdbx_validate_rmsd_angle.auth_seq_id_3 
_pdbx_validate_rmsd_angle.PDB_ins_code_3 
_pdbx_validate_rmsd_angle.label_alt_id_3 
_pdbx_validate_rmsd_angle.angle_value 
_pdbx_validate_rmsd_angle.angle_target_value 
_pdbx_validate_rmsd_angle.angle_deviation 
_pdbx_validate_rmsd_angle.angle_standard_deviation 
_pdbx_validate_rmsd_angle.linker_flag 
1 1 "O4'" A DC 9  ? ? "C1'" A DC 9  ? ? N1    A DC 9  ? ? 111.08 108.30 2.78  0.30 N 
2 1 N9    B DG 12 ? ? "C1'" B DG 12 ? ? "C2'" B DG 12 ? ? 123.33 114.30 9.03  1.40 N 
3 1 N1    B DT 16 ? ? "C1'" B DT 16 ? ? "C2'" B DT 16 ? ? 124.53 114.30 10.23 1.40 N 
4 1 N9    B DG 18 ? ? "C1'" B DG 18 ? ? "C2'" B DG 18 ? ? 124.76 114.30 10.46 1.40 N 
# 
_struct_site_keywords.site_id   'DRUG BINDING SITE' 
_struct_site_keywords.text      'MINOR GROOVE BINDER' 
# 
loop_
_refine_B_iso.class 
_refine_B_iso.details 
_refine_B_iso.treatment 
_refine_B_iso.pdbx_refine_id 
'ALL ATOMS'  TR isotropic 'X-RAY DIFFRACTION' 
'ALL WATERS' TR isotropic 'X-RAY DIFFRACTION' 
# 
loop_
_refine_occupancy.class 
_refine_occupancy.treatment 
_refine_occupancy.pdbx_refine_id 
'ALL ATOMS'  fix 'X-RAY DIFFRACTION' 
'ALL WATERS' fix 'X-RAY DIFFRACTION' 
# 
_pdbx_unobs_or_zero_occ_residues.id               1 
_pdbx_unobs_or_zero_occ_residues.PDB_model_num    1 
_pdbx_unobs_or_zero_occ_residues.polymer_flag     Y 
_pdbx_unobs_or_zero_occ_residues.occupancy_flag   1 
_pdbx_unobs_or_zero_occ_residues.auth_asym_id     B 
_pdbx_unobs_or_zero_occ_residues.auth_comp_id     DC 
_pdbx_unobs_or_zero_occ_residues.auth_seq_id      11 
_pdbx_unobs_or_zero_occ_residues.PDB_ins_code     ? 
_pdbx_unobs_or_zero_occ_residues.label_asym_id    B 
_pdbx_unobs_or_zero_occ_residues.label_comp_id    DC 
_pdbx_unobs_or_zero_occ_residues.label_seq_id     1 
# 
loop_
_chem_comp_atom.comp_id 
_chem_comp_atom.atom_id 
_chem_comp_atom.type_symbol 
_chem_comp_atom.pdbx_aromatic_flag 
_chem_comp_atom.pdbx_stereo_config 
_chem_comp_atom.pdbx_ordinal 
DA  OP3    O N N 1   
DA  P      P N N 2   
DA  OP1    O N N 3   
DA  OP2    O N N 4   
DA  "O5'"  O N N 5   
DA  "C5'"  C N N 6   
DA  "C4'"  C N R 7   
DA  "O4'"  O N N 8   
DA  "C3'"  C N S 9   
DA  "O3'"  O N N 10  
DA  "C2'"  C N N 11  
DA  "C1'"  C N R 12  
DA  N9     N Y N 13  
DA  C8     C Y N 14  
DA  N7     N Y N 15  
DA  C5     C Y N 16  
DA  C6     C Y N 17  
DA  N6     N N N 18  
DA  N1     N Y N 19  
DA  C2     C Y N 20  
DA  N3     N Y N 21  
DA  C4     C Y N 22  
DA  HOP3   H N N 23  
DA  HOP2   H N N 24  
DA  "H5'"  H N N 25  
DA  "H5''" H N N 26  
DA  "H4'"  H N N 27  
DA  "H3'"  H N N 28  
DA  "HO3'" H N N 29  
DA  "H2'"  H N N 30  
DA  "H2''" H N N 31  
DA  "H1'"  H N N 32  
DA  H8     H N N 33  
DA  H61    H N N 34  
DA  H62    H N N 35  
DA  H2     H N N 36  
DC  OP3    O N N 37  
DC  P      P N N 38  
DC  OP1    O N N 39  
DC  OP2    O N N 40  
DC  "O5'"  O N N 41  
DC  "C5'"  C N N 42  
DC  "C4'"  C N R 43  
DC  "O4'"  O N N 44  
DC  "C3'"  C N S 45  
DC  "O3'"  O N N 46  
DC  "C2'"  C N N 47  
DC  "C1'"  C N R 48  
DC  N1     N N N 49  
DC  C2     C N N 50  
DC  O2     O N N 51  
DC  N3     N N N 52  
DC  C4     C N N 53  
DC  N4     N N N 54  
DC  C5     C N N 55  
DC  C6     C N N 56  
DC  HOP3   H N N 57  
DC  HOP2   H N N 58  
DC  "H5'"  H N N 59  
DC  "H5''" H N N 60  
DC  "H4'"  H N N 61  
DC  "H3'"  H N N 62  
DC  "HO3'" H N N 63  
DC  "H2'"  H N N 64  
DC  "H2''" H N N 65  
DC  "H1'"  H N N 66  
DC  H41    H N N 67  
DC  H42    H N N 68  
DC  H5     H N N 69  
DC  H6     H N N 70  
DG  OP3    O N N 71  
DG  P      P N N 72  
DG  OP1    O N N 73  
DG  OP2    O N N 74  
DG  "O5'"  O N N 75  
DG  "C5'"  C N N 76  
DG  "C4'"  C N R 77  
DG  "O4'"  O N N 78  
DG  "C3'"  C N S 79  
DG  "O3'"  O N N 80  
DG  "C2'"  C N N 81  
DG  "C1'"  C N R 82  
DG  N9     N Y N 83  
DG  C8     C Y N 84  
DG  N7     N Y N 85  
DG  C5     C Y N 86  
DG  C6     C N N 87  
DG  O6     O N N 88  
DG  N1     N N N 89  
DG  C2     C N N 90  
DG  N2     N N N 91  
DG  N3     N N N 92  
DG  C4     C Y N 93  
DG  HOP3   H N N 94  
DG  HOP2   H N N 95  
DG  "H5'"  H N N 96  
DG  "H5''" H N N 97  
DG  "H4'"  H N N 98  
DG  "H3'"  H N N 99  
DG  "HO3'" H N N 100 
DG  "H2'"  H N N 101 
DG  "H2''" H N N 102 
DG  "H1'"  H N N 103 
DG  H8     H N N 104 
DG  H1     H N N 105 
DG  H21    H N N 106 
DG  H22    H N N 107 
DT  OP3    O N N 108 
DT  P      P N N 109 
DT  OP1    O N N 110 
DT  OP2    O N N 111 
DT  "O5'"  O N N 112 
DT  "C5'"  C N N 113 
DT  "C4'"  C N R 114 
DT  "O4'"  O N N 115 
DT  "C3'"  C N S 116 
DT  "O3'"  O N N 117 
DT  "C2'"  C N N 118 
DT  "C1'"  C N R 119 
DT  N1     N N N 120 
DT  C2     C N N 121 
DT  O2     O N N 122 
DT  N3     N N N 123 
DT  C4     C N N 124 
DT  O4     O N N 125 
DT  C5     C N N 126 
DT  C7     C N N 127 
DT  C6     C N N 128 
DT  HOP3   H N N 129 
DT  HOP2   H N N 130 
DT  "H5'"  H N N 131 
DT  "H5''" H N N 132 
DT  "H4'"  H N N 133 
DT  "H3'"  H N N 134 
DT  "HO3'" H N N 135 
DT  "H2'"  H N N 136 
DT  "H2''" H N N 137 
DT  "H1'"  H N N 138 
DT  H3     H N N 139 
DT  H71    H N N 140 
DT  H72    H N N 141 
DT  H73    H N N 142 
DT  H6     H N N 143 
HOH O      O N N 144 
HOH H1     H N N 145 
HOH H2     H N N 146 
NT  C1     C N N 147 
NT  N1     N N N 148 
NT  N2     N N N 149 
NT  N3     N N N 150 
NT  C2     C N N 151 
NT  C3     C N N 152 
NT  O1     O N N 153 
NT  N4     N N N 154 
NT  C4     C Y N 155 
NT  C5     C Y N 156 
NT  C6     C Y N 157 
NT  N5     N Y N 158 
NT  C8     C N N 159 
NT  C7     C Y N 160 
NT  C9     C N N 161 
NT  O2     O N N 162 
NT  N6     N N N 163 
NT  C10    C Y N 164 
NT  C11    C Y N 165 
NT  C12    C Y N 166 
NT  N7     N Y N 167 
NT  C14    C N N 168 
NT  C13    C Y N 169 
NT  C15    C N N 170 
NT  O3     O N N 171 
NT  N8     N N N 172 
NT  C16    C N N 173 
NT  C17    C N N 174 
NT  C18    C N N 175 
NT  N9     N N N 176 
NT  N10    N N N 177 
NT  HN1    H N N 178 
NT  HN21   H N N 179 
NT  HN22   H N N 180 
NT  HN3    H N N 181 
NT  H21    H N N 182 
NT  H22    H N N 183 
NT  HN4    H N N 184 
NT  H5     H N N 185 
NT  H81    H N N 186 
NT  H82    H N N 187 
NT  H83    H N N 188 
NT  H7     H N N 189 
NT  HN6    H N N 190 
NT  H11    H N N 191 
NT  H141   H N N 192 
NT  H142   H N N 193 
NT  H143   H N N 194 
NT  H13    H N N 195 
NT  HN8    H N N 196 
NT  H161   H N N 197 
NT  H162   H N N 198 
NT  H171   H N N 199 
NT  H172   H N N 200 
NT  HN9    H N N 201 
NT  HN01   H N N 202 
NT  HN02   H N N 203 
# 
loop_
_chem_comp_bond.comp_id 
_chem_comp_bond.atom_id_1 
_chem_comp_bond.atom_id_2 
_chem_comp_bond.value_order 
_chem_comp_bond.pdbx_aromatic_flag 
_chem_comp_bond.pdbx_stereo_config 
_chem_comp_bond.pdbx_ordinal 
DA  OP3   P      sing N N 1   
DA  OP3   HOP3   sing N N 2   
DA  P     OP1    doub N N 3   
DA  P     OP2    sing N N 4   
DA  P     "O5'"  sing N N 5   
DA  OP2   HOP2   sing N N 6   
DA  "O5'" "C5'"  sing N N 7   
DA  "C5'" "C4'"  sing N N 8   
DA  "C5'" "H5'"  sing N N 9   
DA  "C5'" "H5''" sing N N 10  
DA  "C4'" "O4'"  sing N N 11  
DA  "C4'" "C3'"  sing N N 12  
DA  "C4'" "H4'"  sing N N 13  
DA  "O4'" "C1'"  sing N N 14  
DA  "C3'" "O3'"  sing N N 15  
DA  "C3'" "C2'"  sing N N 16  
DA  "C3'" "H3'"  sing N N 17  
DA  "O3'" "HO3'" sing N N 18  
DA  "C2'" "C1'"  sing N N 19  
DA  "C2'" "H2'"  sing N N 20  
DA  "C2'" "H2''" sing N N 21  
DA  "C1'" N9     sing N N 22  
DA  "C1'" "H1'"  sing N N 23  
DA  N9    C8     sing Y N 24  
DA  N9    C4     sing Y N 25  
DA  C8    N7     doub Y N 26  
DA  C8    H8     sing N N 27  
DA  N7    C5     sing Y N 28  
DA  C5    C6     sing Y N 29  
DA  C5    C4     doub Y N 30  
DA  C6    N6     sing N N 31  
DA  C6    N1     doub Y N 32  
DA  N6    H61    sing N N 33  
DA  N6    H62    sing N N 34  
DA  N1    C2     sing Y N 35  
DA  C2    N3     doub Y N 36  
DA  C2    H2     sing N N 37  
DA  N3    C4     sing Y N 38  
DC  OP3   P      sing N N 39  
DC  OP3   HOP3   sing N N 40  
DC  P     OP1    doub N N 41  
DC  P     OP2    sing N N 42  
DC  P     "O5'"  sing N N 43  
DC  OP2   HOP2   sing N N 44  
DC  "O5'" "C5'"  sing N N 45  
DC  "C5'" "C4'"  sing N N 46  
DC  "C5'" "H5'"  sing N N 47  
DC  "C5'" "H5''" sing N N 48  
DC  "C4'" "O4'"  sing N N 49  
DC  "C4'" "C3'"  sing N N 50  
DC  "C4'" "H4'"  sing N N 51  
DC  "O4'" "C1'"  sing N N 52  
DC  "C3'" "O3'"  sing N N 53  
DC  "C3'" "C2'"  sing N N 54  
DC  "C3'" "H3'"  sing N N 55  
DC  "O3'" "HO3'" sing N N 56  
DC  "C2'" "C1'"  sing N N 57  
DC  "C2'" "H2'"  sing N N 58  
DC  "C2'" "H2''" sing N N 59  
DC  "C1'" N1     sing N N 60  
DC  "C1'" "H1'"  sing N N 61  
DC  N1    C2     sing N N 62  
DC  N1    C6     sing N N 63  
DC  C2    O2     doub N N 64  
DC  C2    N3     sing N N 65  
DC  N3    C4     doub N N 66  
DC  C4    N4     sing N N 67  
DC  C4    C5     sing N N 68  
DC  N4    H41    sing N N 69  
DC  N4    H42    sing N N 70  
DC  C5    C6     doub N N 71  
DC  C5    H5     sing N N 72  
DC  C6    H6     sing N N 73  
DG  OP3   P      sing N N 74  
DG  OP3   HOP3   sing N N 75  
DG  P     OP1    doub N N 76  
DG  P     OP2    sing N N 77  
DG  P     "O5'"  sing N N 78  
DG  OP2   HOP2   sing N N 79  
DG  "O5'" "C5'"  sing N N 80  
DG  "C5'" "C4'"  sing N N 81  
DG  "C5'" "H5'"  sing N N 82  
DG  "C5'" "H5''" sing N N 83  
DG  "C4'" "O4'"  sing N N 84  
DG  "C4'" "C3'"  sing N N 85  
DG  "C4'" "H4'"  sing N N 86  
DG  "O4'" "C1'"  sing N N 87  
DG  "C3'" "O3'"  sing N N 88  
DG  "C3'" "C2'"  sing N N 89  
DG  "C3'" "H3'"  sing N N 90  
DG  "O3'" "HO3'" sing N N 91  
DG  "C2'" "C1'"  sing N N 92  
DG  "C2'" "H2'"  sing N N 93  
DG  "C2'" "H2''" sing N N 94  
DG  "C1'" N9     sing N N 95  
DG  "C1'" "H1'"  sing N N 96  
DG  N9    C8     sing Y N 97  
DG  N9    C4     sing Y N 98  
DG  C8    N7     doub Y N 99  
DG  C8    H8     sing N N 100 
DG  N7    C5     sing Y N 101 
DG  C5    C6     sing N N 102 
DG  C5    C4     doub Y N 103 
DG  C6    O6     doub N N 104 
DG  C6    N1     sing N N 105 
DG  N1    C2     sing N N 106 
DG  N1    H1     sing N N 107 
DG  C2    N2     sing N N 108 
DG  C2    N3     doub N N 109 
DG  N2    H21    sing N N 110 
DG  N2    H22    sing N N 111 
DG  N3    C4     sing N N 112 
DT  OP3   P      sing N N 113 
DT  OP3   HOP3   sing N N 114 
DT  P     OP1    doub N N 115 
DT  P     OP2    sing N N 116 
DT  P     "O5'"  sing N N 117 
DT  OP2   HOP2   sing N N 118 
DT  "O5'" "C5'"  sing N N 119 
DT  "C5'" "C4'"  sing N N 120 
DT  "C5'" "H5'"  sing N N 121 
DT  "C5'" "H5''" sing N N 122 
DT  "C4'" "O4'"  sing N N 123 
DT  "C4'" "C3'"  sing N N 124 
DT  "C4'" "H4'"  sing N N 125 
DT  "O4'" "C1'"  sing N N 126 
DT  "C3'" "O3'"  sing N N 127 
DT  "C3'" "C2'"  sing N N 128 
DT  "C3'" "H3'"  sing N N 129 
DT  "O3'" "HO3'" sing N N 130 
DT  "C2'" "C1'"  sing N N 131 
DT  "C2'" "H2'"  sing N N 132 
DT  "C2'" "H2''" sing N N 133 
DT  "C1'" N1     sing N N 134 
DT  "C1'" "H1'"  sing N N 135 
DT  N1    C2     sing N N 136 
DT  N1    C6     sing N N 137 
DT  C2    O2     doub N N 138 
DT  C2    N3     sing N N 139 
DT  N3    C4     sing N N 140 
DT  N3    H3     sing N N 141 
DT  C4    O4     doub N N 142 
DT  C4    C5     sing N N 143 
DT  C5    C7     sing N N 144 
DT  C5    C6     doub N N 145 
DT  C7    H71    sing N N 146 
DT  C7    H72    sing N N 147 
DT  C7    H73    sing N N 148 
DT  C6    H6     sing N N 149 
HOH O     H1     sing N N 150 
HOH O     H2     sing N N 151 
NT  C1    N1     doub N N 152 
NT  C1    N2     sing N N 153 
NT  C1    N3     sing N N 154 
NT  N1    HN1    sing N N 155 
NT  N2    HN21   sing N N 156 
NT  N2    HN22   sing N N 157 
NT  N3    C2     sing N N 158 
NT  N3    HN3    sing N N 159 
NT  C2    C3     sing N N 160 
NT  C2    H21    sing N N 161 
NT  C2    H22    sing N N 162 
NT  C3    O1     doub N N 163 
NT  C3    N4     sing N N 164 
NT  N4    C4     sing N N 165 
NT  N4    HN4    sing N N 166 
NT  C4    C5     sing Y N 167 
NT  C4    C7     doub Y N 168 
NT  C5    C6     doub Y N 169 
NT  C5    H5     sing N N 170 
NT  C6    N5     sing Y N 171 
NT  C6    C9     sing N N 172 
NT  N5    C8     sing N N 173 
NT  N5    C7     sing Y N 174 
NT  C8    H81    sing N N 175 
NT  C8    H82    sing N N 176 
NT  C8    H83    sing N N 177 
NT  C7    H7     sing N N 178 
NT  C9    O2     doub N N 179 
NT  C9    N6     sing N N 180 
NT  N6    C10    sing N N 181 
NT  N6    HN6    sing N N 182 
NT  C10   C11    sing Y N 183 
NT  C10   C13    doub Y N 184 
NT  C11   C12    doub Y N 185 
NT  C11   H11    sing N N 186 
NT  C12   N7     sing Y N 187 
NT  C12   C15    sing N N 188 
NT  N7    C14    sing N N 189 
NT  N7    C13    sing Y N 190 
NT  C14   H141   sing N N 191 
NT  C14   H142   sing N N 192 
NT  C14   H143   sing N N 193 
NT  C13   H13    sing N N 194 
NT  C15   O3     doub N N 195 
NT  C15   N8     sing N N 196 
NT  N8    C16    sing N N 197 
NT  N8    HN8    sing N N 198 
NT  C16   C17    sing N N 199 
NT  C16   H161   sing N N 200 
NT  C16   H162   sing N N 201 
NT  C17   C18    sing N N 202 
NT  C17   H171   sing N N 203 
NT  C17   H172   sing N N 204 
NT  C18   N9     doub N N 205 
NT  C18   N10    sing N N 206 
NT  N9    HN9    sing N N 207 
NT  N10   HN01   sing N N 208 
NT  N10   HN02   sing N N 209 
# 
_ndb_struct_conf_na.entry_id   261D 
_ndb_struct_conf_na.feature    'b-form double helix' 
# 
loop_
_ndb_struct_na_base_pair.model_number 
_ndb_struct_na_base_pair.i_label_asym_id 
_ndb_struct_na_base_pair.i_label_comp_id 
_ndb_struct_na_base_pair.i_label_seq_id 
_ndb_struct_na_base_pair.i_symmetry 
_ndb_struct_na_base_pair.j_label_asym_id 
_ndb_struct_na_base_pair.j_label_comp_id 
_ndb_struct_na_base_pair.j_label_seq_id 
_ndb_struct_na_base_pair.j_symmetry 
_ndb_struct_na_base_pair.shear 
_ndb_struct_na_base_pair.stretch 
_ndb_struct_na_base_pair.stagger 
_ndb_struct_na_base_pair.buckle 
_ndb_struct_na_base_pair.propeller 
_ndb_struct_na_base_pair.opening 
_ndb_struct_na_base_pair.pair_number 
_ndb_struct_na_base_pair.pair_name 
_ndb_struct_na_base_pair.i_auth_asym_id 
_ndb_struct_na_base_pair.i_auth_seq_id 
_ndb_struct_na_base_pair.i_PDB_ins_code 
_ndb_struct_na_base_pair.j_auth_asym_id 
_ndb_struct_na_base_pair.j_auth_seq_id 
_ndb_struct_na_base_pair.j_PDB_ins_code 
_ndb_struct_na_base_pair.hbond_type_28 
_ndb_struct_na_base_pair.hbond_type_12 
1 A DG 2 1_555 B DC 9 1_555 -0.039 -0.189 0.113  -2.127 -6.223  -3.677 1 A_DG2:DC19_B A 2 ? B 19 ? 19 1 
1 A DC 3 1_555 B DG 8 1_555 -0.191 -0.037 0.292  0.377  -6.726  -2.809 2 A_DC3:DG18_B A 3 ? B 18 ? 19 1 
1 A DA 4 1_555 B DT 7 1_555 0.074  -0.169 -0.202 13.595 -10.020 4.526  3 A_DA4:DT17_B A 4 ? B 17 ? 20 1 
1 A DA 5 1_555 B DT 6 1_555 0.171  -0.056 -0.269 4.270  -18.146 -1.611 4 A_DA5:DT16_B A 5 ? B 16 ? 20 1 
1 A DT 6 1_555 B DA 5 1_555 -0.104 -0.179 -0.127 2.068  -14.363 -0.161 5 A_DT6:DA15_B A 6 ? B 15 ? 20 1 
1 A DT 7 1_555 B DA 4 1_555 -0.028 -0.272 0.149  -6.812 -8.122  1.802  6 A_DT7:DA14_B A 7 ? B 14 ? 20 1 
1 A DG 8 1_555 B DC 3 1_555 -0.005 -0.233 0.115  0.147  -6.160  -4.582 7 A_DG8:DC13_B A 8 ? B 13 ? 19 1 
1 A DC 9 1_555 B DG 2 1_555 0.205  -0.239 -0.018 -1.389 4.725   -2.398 8 A_DC9:DG12_B A 9 ? B 12 ? 19 1 
# 
loop_
_ndb_struct_na_base_pair_step.model_number 
_ndb_struct_na_base_pair_step.i_label_asym_id_1 
_ndb_struct_na_base_pair_step.i_label_comp_id_1 
_ndb_struct_na_base_pair_step.i_label_seq_id_1 
_ndb_struct_na_base_pair_step.i_symmetry_1 
_ndb_struct_na_base_pair_step.j_label_asym_id_1 
_ndb_struct_na_base_pair_step.j_label_comp_id_1 
_ndb_struct_na_base_pair_step.j_label_seq_id_1 
_ndb_struct_na_base_pair_step.j_symmetry_1 
_ndb_struct_na_base_pair_step.i_label_asym_id_2 
_ndb_struct_na_base_pair_step.i_label_comp_id_2 
_ndb_struct_na_base_pair_step.i_label_seq_id_2 
_ndb_struct_na_base_pair_step.i_symmetry_2 
_ndb_struct_na_base_pair_step.j_label_asym_id_2 
_ndb_struct_na_base_pair_step.j_label_comp_id_2 
_ndb_struct_na_base_pair_step.j_label_seq_id_2 
_ndb_struct_na_base_pair_step.j_symmetry_2 
_ndb_struct_na_base_pair_step.shift 
_ndb_struct_na_base_pair_step.slide 
_ndb_struct_na_base_pair_step.rise 
_ndb_struct_na_base_pair_step.tilt 
_ndb_struct_na_base_pair_step.roll 
_ndb_struct_na_base_pair_step.twist 
_ndb_struct_na_base_pair_step.x_displacement 
_ndb_struct_na_base_pair_step.y_displacement 
_ndb_struct_na_base_pair_step.helical_rise 
_ndb_struct_na_base_pair_step.inclination 
_ndb_struct_na_base_pair_step.tip 
_ndb_struct_na_base_pair_step.helical_twist 
_ndb_struct_na_base_pair_step.step_number 
_ndb_struct_na_base_pair_step.step_name 
_ndb_struct_na_base_pair_step.i_auth_asym_id_1 
_ndb_struct_na_base_pair_step.i_auth_seq_id_1 
_ndb_struct_na_base_pair_step.i_PDB_ins_code_1 
_ndb_struct_na_base_pair_step.j_auth_asym_id_1 
_ndb_struct_na_base_pair_step.j_auth_seq_id_1 
_ndb_struct_na_base_pair_step.j_PDB_ins_code_1 
_ndb_struct_na_base_pair_step.i_auth_asym_id_2 
_ndb_struct_na_base_pair_step.i_auth_seq_id_2 
_ndb_struct_na_base_pair_step.i_PDB_ins_code_2 
_ndb_struct_na_base_pair_step.j_auth_asym_id_2 
_ndb_struct_na_base_pair_step.j_auth_seq_id_2 
_ndb_struct_na_base_pair_step.j_PDB_ins_code_2 
1 A DG 2 1_555 B DC 9 1_555 A DC 3 1_555 B DG 8 1_555 0.821  0.548  3.295 0.008  -5.112 34.015 1.722  -1.387 3.181 -8.677 -0.014 
34.386 1 AA_DG2DC3:DG18DC19_BB A 2 ? B 19 ? A 3 ? B 18 ? 
1 A DC 3 1_555 B DG 8 1_555 A DA 4 1_555 B DT 7 1_555 -0.386 0.829  3.146 4.042  5.457  32.293 0.555  1.349  3.169 9.678  -7.169 
32.981 2 AA_DC3DA4:DT17DG18_BB A 3 ? B 18 ? A 4 ? B 17 ? 
1 A DA 4 1_555 B DT 7 1_555 A DA 5 1_555 B DT 6 1_555 -0.436 0.212  3.504 -1.490 5.425  37.191 -0.432 0.467  3.513 8.446  2.320  
37.599 3 AA_DA4DA5:DT16DT17_BB A 4 ? B 17 ? A 5 ? B 16 ? 
1 A DA 5 1_555 B DT 6 1_555 A DT 6 1_555 B DA 5 1_555 0.102  -0.871 3.322 -1.486 -0.032 34.462 -1.464 -0.406 3.316 -0.055 2.506  
34.493 4 AA_DA5DT6:DA15DT16_BB A 5 ? B 16 ? A 6 ? B 15 ? 
1 A DT 6 1_555 B DA 5 1_555 A DT 7 1_555 B DA 4 1_555 0.696  0.143  3.524 2.210  2.856  37.064 -0.188 -0.772 3.559 4.480  -3.467 
37.234 5 AA_DT6DT7:DA14DA15_BB A 6 ? B 15 ? A 7 ? B 14 ? 
1 A DT 7 1_555 B DA 4 1_555 A DG 8 1_555 B DC 3 1_555 -0.382 0.111  3.235 -0.875 6.842  32.289 -0.960 0.525  3.200 12.130 1.552  
32.998 6 AA_DT7DG8:DC13DA14_BB A 7 ? B 14 ? A 8 ? B 13 ? 
1 A DG 8 1_555 B DC 3 1_555 A DC 9 1_555 B DG 2 1_555 0.480  -0.270 3.470 0.905  1.241  38.231 -0.578 -0.611 3.469 1.894  -1.382 
38.261 7 AA_DG8DC9:DG12DC13_BB A 8 ? B 13 ? A 9 ? B 12 ? 
# 
_atom_sites.entry_id                    261D 
_atom_sites.fract_transf_matrix[1][1]   0.01511635 
_atom_sites.fract_transf_matrix[1][2]   0.03715086 
_atom_sites.fract_transf_matrix[1][3]   -0.00346645 
_atom_sites.fract_transf_matrix[2][1]   -0.00288601 
_atom_sites.fract_transf_matrix[2][2]   0.00348046 
_atom_sites.fract_transf_matrix[2][3]   0.02471585 
_atom_sites.fract_transf_matrix[3][1]   0.01700586 
_atom_sites.fract_transf_matrix[3][2]   -0.00664691 
_atom_sites.fract_transf_matrix[3][3]   0.00292174 
_atom_sites.fract_transf_vector[1]      0.260115 
_atom_sites.fract_transf_vector[2]      0.019227 
_atom_sites.fract_transf_vector[3]      0.276238 
# 
loop_
_atom_type.symbol 
C 
N 
O 
P 
# 
loop_
_atom_site.group_PDB 
_atom_site.id 
_atom_site.type_symbol 
_atom_site.label_atom_id 
_atom_site.label_alt_id 
_atom_site.label_comp_id 
_atom_site.label_asym_id 
_atom_site.label_entity_id 
_atom_site.label_seq_id 
_atom_site.pdbx_PDB_ins_code 
_atom_site.Cartn_x 
_atom_site.Cartn_y 
_atom_site.Cartn_z 
_atom_site.occupancy 
_atom_site.B_iso_or_equiv 
_atom_site.pdbx_formal_charge 
_atom_site.auth_seq_id 
_atom_site.auth_comp_id 
_atom_site.auth_asym_id 
_atom_site.auth_atom_id 
_atom_site.pdbx_PDB_model_num 
ATOM   1   O "O5'" . DC  A 1 1  ? 15.559  0.712   6.615   1.00 47.46 ? 1   DC  A "O5'" 1 
ATOM   2   C "C5'" . DC  A 1 1  ? 16.899  1.168   6.381   1.00 47.05 ? 1   DC  A "C5'" 1 
ATOM   3   C "C4'" . DC  A 1 1  ? 17.358  1.431   4.963   1.00 46.76 ? 1   DC  A "C4'" 1 
ATOM   4   O "O4'" . DC  A 1 1  ? 18.118  0.284   4.483   1.00 46.70 ? 1   DC  A "O4'" 1 
ATOM   5   C "C3'" . DC  A 1 1  ? 16.225  1.607   3.930   1.00 46.55 ? 1   DC  A "C3'" 1 
ATOM   6   O "O3'" . DC  A 1 1  ? 16.542  2.504   2.835   1.00 46.01 ? 1   DC  A "O3'" 1 
ATOM   7   C "C2'" . DC  A 1 1  ? 16.007  0.203   3.410   1.00 46.27 ? 1   DC  A "C2'" 1 
ATOM   8   C "C1'" . DC  A 1 1  ? 17.404  -0.411  3.446   1.00 45.29 ? 1   DC  A "C1'" 1 
ATOM   9   N N1    . DC  A 1 1  ? 17.226  -1.780  3.838   1.00 43.62 ? 1   DC  A N1    1 
ATOM   10  C C2    . DC  A 1 1  ? 17.619  -2.792  2.983   1.00 41.97 ? 1   DC  A C2    1 
ATOM   11  O O2    . DC  A 1 1  ? 18.224  -2.488  1.973   1.00 41.05 ? 1   DC  A O2    1 
ATOM   12  N N3    . DC  A 1 1  ? 17.330  -4.065  3.297   1.00 41.18 ? 1   DC  A N3    1 
ATOM   13  C C4    . DC  A 1 1  ? 16.711  -4.333  4.448   1.00 42.38 ? 1   DC  A C4    1 
ATOM   14  N N4    . DC  A 1 1  ? 16.432  -5.599  4.749   1.00 42.90 ? 1   DC  A N4    1 
ATOM   15  C C5    . DC  A 1 1  ? 16.345  -3.314  5.364   1.00 43.02 ? 1   DC  A C5    1 
ATOM   16  C C6    . DC  A 1 1  ? 16.624  -2.067  5.027   1.00 43.32 ? 1   DC  A C6    1 
ATOM   17  P P     . DG  A 1 2  ? 15.344  3.070   1.884   1.00 44.84 ? 2   DG  A P     1 
ATOM   18  O OP1   . DG  A 1 2  ? 16.000  4.031   0.952   1.00 45.37 ? 2   DG  A OP1   1 
ATOM   19  O OP2   . DG  A 1 2  ? 14.182  3.507   2.720   1.00 43.94 ? 2   DG  A OP2   1 
ATOM   20  O "O5'" . DG  A 1 2  ? 14.933  1.859   0.906   1.00 42.20 ? 2   DG  A "O5'" 1 
ATOM   21  C "C5'" . DG  A 1 2  ? 15.849  1.342   -0.076  1.00 36.38 ? 2   DG  A "C5'" 1 
ATOM   22  C "C4'" . DG  A 1 2  ? 15.162  1.248   -1.419  1.00 32.93 ? 2   DG  A "C4'" 1 
ATOM   23  O "O4'" . DG  A 1 2  ? 14.287  0.094   -1.507  1.00 30.61 ? 2   DG  A "O4'" 1 
ATOM   24  C "C3'" . DG  A 1 2  ? 14.254  2.419   -1.699  1.00 31.76 ? 2   DG  A "C3'" 1 
ATOM   25  O "O3'" . DG  A 1 2  ? 14.244  2.637   -3.094  1.00 32.58 ? 2   DG  A "O3'" 1 
ATOM   26  C "C2'" . DG  A 1 2  ? 12.908  1.958   -1.142  1.00 29.71 ? 2   DG  A "C2'" 1 
ATOM   27  C "C1'" . DG  A 1 2  ? 12.907  0.458   -1.421  1.00 26.43 ? 2   DG  A "C1'" 1 
ATOM   28  N N9    . DG  A 1 2  ? 12.346  -0.328  -0.336  1.00 20.98 ? 2   DG  A N9    1 
ATOM   29  C C8    . DG  A 1 2  ? 12.269  0.053   0.979   1.00 19.64 ? 2   DG  A C8    1 
ATOM   30  N N7    . DG  A 1 2  ? 11.789  -0.888  1.755   1.00 17.42 ? 2   DG  A N7    1 
ATOM   31  C C5    . DG  A 1 2  ? 11.533  -1.941  0.882   1.00 15.73 ? 2   DG  A C5    1 
ATOM   32  C C6    . DG  A 1 2  ? 11.033  -3.215  1.155   1.00 15.01 ? 2   DG  A C6    1 
ATOM   33  O O6    . DG  A 1 2  ? 10.732  -3.692  2.267   1.00 15.89 ? 2   DG  A O6    1 
ATOM   34  N N1    . DG  A 1 2  ? 10.899  -3.980  0.007   1.00 12.73 ? 2   DG  A N1    1 
ATOM   35  C C2    . DG  A 1 2  ? 11.204  -3.559  -1.243  1.00 13.35 ? 2   DG  A C2    1 
ATOM   36  N N2    . DG  A 1 2  ? 10.987  -4.446  -2.233  1.00 11.40 ? 2   DG  A N2    1 
ATOM   37  N N3    . DG  A 1 2  ? 11.702  -2.359  -1.513  1.00 15.41 ? 2   DG  A N3    1 
ATOM   38  C C4    . DG  A 1 2  ? 11.840  -1.610  -0.403  1.00 17.22 ? 2   DG  A C4    1 
ATOM   39  P P     . DC  A 1 3  ? 13.167  3.640   -3.703  1.00 34.30 ? 3   DC  A P     1 
ATOM   40  O OP1   . DC  A 1 3  ? 13.743  4.155   -4.961  1.00 33.51 ? 3   DC  A OP1   1 
ATOM   41  O OP2   . DC  A 1 3  ? 12.781  4.576   -2.591  1.00 34.45 ? 3   DC  A OP2   1 
ATOM   42  O "O5'" . DC  A 1 3  ? 11.943  2.688   -4.108  1.00 32.38 ? 3   DC  A "O5'" 1 
ATOM   43  C "C5'" . DC  A 1 3  ? 12.088  1.976   -5.301  1.00 29.38 ? 3   DC  A "C5'" 1 
ATOM   44  C "C4'" . DC  A 1 3  ? 11.215  0.741   -5.391  1.00 27.98 ? 3   DC  A "C4'" 1 
ATOM   45  O "O4'" . DC  A 1 3  ? 10.880  0.136   -4.087  1.00 26.09 ? 3   DC  A "O4'" 1 
ATOM   46  C "C3'" . DC  A 1 3  ? 9.855   1.170   -5.936  1.00 27.58 ? 3   DC  A "C3'" 1 
ATOM   47  O "O3'" . DC  A 1 3  ? 9.458   0.433   -7.086  1.00 28.75 ? 3   DC  A "O3'" 1 
ATOM   48  C "C2'" . DC  A 1 3  ? 8.948   1.276   -4.724  1.00 25.91 ? 3   DC  A "C2'" 1 
ATOM   49  C "C1'" . DC  A 1 3  ? 9.466   0.132   -3.911  1.00 22.76 ? 3   DC  A "C1'" 1 
ATOM   50  N N1    . DC  A 1 3  ? 9.156   0.106   -2.545  1.00 19.26 ? 3   DC  A N1    1 
ATOM   51  C C2    . DC  A 1 3  ? 8.687   -1.069  -1.988  1.00 17.72 ? 3   DC  A C2    1 
ATOM   52  O O2    . DC  A 1 3  ? 8.553   -2.060  -2.684  1.00 17.86 ? 3   DC  A O2    1 
ATOM   53  N N3    . DC  A 1 3  ? 8.384   -1.113  -0.701  1.00 16.35 ? 3   DC  A N3    1 
ATOM   54  C C4    . DC  A 1 3  ? 8.543   -0.046  0.047   1.00 17.24 ? 3   DC  A C4    1 
ATOM   55  N N4    . DC  A 1 3  ? 8.270   -0.159  1.376   1.00 16.86 ? 3   DC  A N4    1 
ATOM   56  C C5    . DC  A 1 3  ? 9.003   1.183   -0.496  1.00 17.70 ? 3   DC  A C5    1 
ATOM   57  C C6    . DC  A 1 3  ? 9.301   1.211   -1.783  1.00 18.64 ? 3   DC  A C6    1 
ATOM   58  P P     . DA  A 1 4  ? 8.276   0.994   -8.031  1.00 29.84 ? 4   DA  A P     1 
ATOM   59  O OP1   . DA  A 1 4  ? 8.718   0.741   -9.448  1.00 27.98 ? 4   DA  A OP1   1 
ATOM   60  O OP2   . DA  A 1 4  ? 7.951   2.379   -7.589  1.00 27.64 ? 4   DA  A OP2   1 
ATOM   61  O "O5'" . DA  A 1 4  ? 7.101   -0.044  -7.722  1.00 28.12 ? 4   DA  A "O5'" 1 
ATOM   62  C "C5'" . DA  A 1 4  ? 7.399   -1.409  -8.006  1.00 26.39 ? 4   DA  A "C5'" 1 
ATOM   63  C "C4'" . DA  A 1 4  ? 6.214   -2.296  -7.777  1.00 25.39 ? 4   DA  A "C4'" 1 
ATOM   64  O "O4'" . DA  A 1 4  ? 5.956   -2.438  -6.358  1.00 23.24 ? 4   DA  A "O4'" 1 
ATOM   65  C "C3'" . DA  A 1 4  ? 4.969   -1.663  -8.356  1.00 26.17 ? 4   DA  A "C3'" 1 
ATOM   66  O "O3'" . DA  A 1 4  ? 4.222   -2.671  -9.007  1.00 30.30 ? 4   DA  A "O3'" 1 
ATOM   67  C "C2'" . DA  A 1 4  ? 4.382   -0.895  -7.200  1.00 23.81 ? 4   DA  A "C2'" 1 
ATOM   68  C "C1'" . DA  A 1 4  ? 4.757   -1.765  -6.001  1.00 20.76 ? 4   DA  A "C1'" 1 
ATOM   69  N N9    . DA  A 1 4  ? 5.008   -0.995  -4.800  1.00 15.74 ? 4   DA  A N9    1 
ATOM   70  C C8    . DA  A 1 4  ? 5.301   0.362   -4.674  1.00 13.63 ? 4   DA  A C8    1 
ATOM   71  N N7    . DA  A 1 4  ? 5.435   0.757   -3.434  1.00 12.33 ? 4   DA  A N7    1 
ATOM   72  C C5    . DA  A 1 4  ? 5.230   -0.413  -2.691  1.00 11.11 ? 4   DA  A C5    1 
ATOM   73  C C6    . DA  A 1 4  ? 5.186   -0.676  -1.326  1.00 10.57 ? 4   DA  A C6    1 
ATOM   74  N N6    . DA  A 1 4  ? 5.409   0.235   -0.367  1.00 11.00 ? 4   DA  A N6    1 
ATOM   75  N N1    . DA  A 1 4  ? 4.893   -1.937  -0.926  1.00 11.16 ? 4   DA  A N1    1 
ATOM   76  C C2    . DA  A 1 4  ? 4.676   -2.871  -1.859  1.00 11.94 ? 4   DA  A C2    1 
ATOM   77  N N3    . DA  A 1 4  ? 4.699   -2.757  -3.180  1.00 12.34 ? 4   DA  A N3    1 
ATOM   78  C C4    . DA  A 1 4  ? 4.975   -1.492  -3.532  1.00 12.65 ? 4   DA  A C4    1 
ATOM   79  P P     . DA  A 1 5  ? 2.707   -2.413  -9.400  1.00 34.41 ? 5   DA  A P     1 
ATOM   80  O OP1   . DA  A 1 5  ? 2.525   -3.056  -10.736 1.00 33.34 ? 5   DA  A OP1   1 
ATOM   81  O OP2   . DA  A 1 5  ? 2.364   -0.960  -9.214  1.00 34.22 ? 5   DA  A OP2   1 
ATOM   82  O "O5'" . DA  A 1 5  ? 1.940   -3.235  -8.262  1.00 33.27 ? 5   DA  A "O5'" 1 
ATOM   83  C "C5'" . DA  A 1 5  ? 2.220   -4.621  -8.169  1.00 31.12 ? 5   DA  A "C5'" 1 
ATOM   84  C "C4'" . DA  A 1 5  ? 1.497   -5.246  -7.004  1.00 29.96 ? 5   DA  A "C4'" 1 
ATOM   85  O "O4'" . DA  A 1 5  ? 1.790   -4.529  -5.774  1.00 28.80 ? 5   DA  A "O4'" 1 
ATOM   86  C "C3'" . DA  A 1 5  ? -0.013  -5.192  -7.116  1.00 30.17 ? 5   DA  A "C3'" 1 
ATOM   87  O "O3'" . DA  A 1 5  ? -0.507  -6.390  -6.495  1.00 33.40 ? 5   DA  A "O3'" 1 
ATOM   88  C "C2'" . DA  A 1 5  ? -0.356  -3.889  -6.418  1.00 27.91 ? 5   DA  A "C2'" 1 
ATOM   89  C "C1'" . DA  A 1 5  ? 0.649   -3.860  -5.294  1.00 23.99 ? 5   DA  A "C1'" 1 
ATOM   90  N N9    . DA  A 1 5  ? 1.055   -2.575  -4.840  1.00 18.45 ? 5   DA  A N9    1 
ATOM   91  C C8    . DA  A 1 5  ? 1.390   -1.421  -5.516  1.00 16.34 ? 5   DA  A C8    1 
ATOM   92  N N7    . DA  A 1 5  ? 1.702   -0.427  -4.715  1.00 14.85 ? 5   DA  A N7    1 
ATOM   93  C C5    . DA  A 1 5  ? 1.577   -0.979  -3.430  1.00 14.11 ? 5   DA  A C5    1 
ATOM   94  C C6    . DA  A 1 5  ? 1.733   -0.456  -2.125  1.00 12.57 ? 5   DA  A C6    1 
ATOM   95  N N6    . DA  A 1 5  ? 2.122   0.795   -1.863  1.00 13.80 ? 5   DA  A N6    1 
ATOM   96  N N1    . DA  A 1 5  ? 1.473   -1.266  -1.071  1.00 12.31 ? 5   DA  A N1    1 
ATOM   97  C C2    . DA  A 1 5  ? 1.094   -2.511  -1.338  1.00 13.00 ? 5   DA  A C2    1 
ATOM   98  N N3    . DA  A 1 5  ? 0.931   -3.115  -2.515  1.00 14.04 ? 5   DA  A N3    1 
ATOM   99  C C4    . DA  A 1 5  ? 1.184   -2.291  -3.515  1.00 14.96 ? 5   DA  A C4    1 
ATOM   100 P P     . DT  A 1 6  ? -2.078  -6.669  -6.392  1.00 36.52 ? 6   DT  A P     1 
ATOM   101 O OP1   . DT  A 1 6  ? -2.317  -8.123  -6.119  1.00 37.71 ? 6   DT  A OP1   1 
ATOM   102 O OP2   . DT  A 1 6  ? -2.723  -6.037  -7.591  1.00 36.60 ? 6   DT  A OP2   1 
ATOM   103 O "O5'" . DT  A 1 6  ? -2.419  -5.943  -4.999  1.00 34.33 ? 6   DT  A "O5'" 1 
ATOM   104 C "C5'" . DT  A 1 6  ? -1.733  -6.366  -3.846  1.00 29.44 ? 6   DT  A "C5'" 1 
ATOM   105 C "C4'" . DT  A 1 6  ? -2.536  -6.091  -2.598  1.00 27.80 ? 6   DT  A "C4'" 1 
ATOM   106 O "O4'" . DT  A 1 6  ? -2.193  -4.837  -1.951  1.00 25.69 ? 6   DT  A "O4'" 1 
ATOM   107 C "C3'" . DT  A 1 6  ? -4.042  -6.006  -2.823  1.00 27.59 ? 6   DT  A "C3'" 1 
ATOM   108 O "O3'" . DT  A 1 6  ? -4.627  -6.555  -1.643  1.00 29.93 ? 6   DT  A "O3'" 1 
ATOM   109 C "C2'" . DT  A 1 6  ? -4.254  -4.519  -3.019  1.00 24.25 ? 6   DT  A "C2'" 1 
ATOM   110 C "C1'" . DT  A 1 6  ? -3.260  -3.920  -2.034  1.00 21.49 ? 6   DT  A "C1'" 1 
ATOM   111 N N1    . DT  A 1 6  ? -2.706  -2.554  -2.327  1.00 17.12 ? 6   DT  A N1    1 
ATOM   112 C C2    . DT  A 1 6  ? -2.371  -1.747  -1.250  1.00 15.79 ? 6   DT  A C2    1 
ATOM   113 O O2    . DT  A 1 6  ? -2.460  -2.111  -0.081  1.00 15.96 ? 6   DT  A O2    1 
ATOM   114 N N3    . DT  A 1 6  ? -1.922  -0.480  -1.589  1.00 12.72 ? 6   DT  A N3    1 
ATOM   115 C C4    . DT  A 1 6  ? -1.768  0.012   -2.860  1.00 13.00 ? 6   DT  A C4    1 
ATOM   116 O O4    . DT  A 1 6  ? -1.344  1.142   -3.013  1.00 14.53 ? 6   DT  A O4    1 
ATOM   117 C C5    . DT  A 1 6  ? -2.112  -0.884  -3.925  1.00 12.61 ? 6   DT  A C5    1 
ATOM   118 C C7    . DT  A 1 6  ? -1.943  -0.423  -5.322  1.00 12.90 ? 6   DT  A C7    1 
ATOM   119 C C6    . DT  A 1 6  ? -2.559  -2.104  -3.617  1.00 15.06 ? 6   DT  A C6    1 
ATOM   120 P P     . DT  A 1 7  ? -6.207  -6.532  -1.427  1.00 32.80 ? 7   DT  A P     1 
ATOM   121 O OP1   . DT  A 1 7  ? -6.473  -7.676  -0.511  1.00 32.37 ? 7   DT  A OP1   1 
ATOM   122 O OP2   . DT  A 1 7  ? -6.783  -6.520  -2.806  1.00 33.24 ? 7   DT  A OP2   1 
ATOM   123 O "O5'" . DT  A 1 7  ? -6.406  -5.178  -0.611  1.00 31.18 ? 7   DT  A "O5'" 1 
ATOM   124 C "C5'" . DT  A 1 7  ? -5.586  -5.025  0.519   1.00 29.22 ? 7   DT  A "C5'" 1 
ATOM   125 C "C4'" . DT  A 1 7  ? -6.157  -4.021  1.477   1.00 27.49 ? 7   DT  A "C4'" 1 
ATOM   126 O "O4'" . DT  A 1 7  ? -5.693  -2.673  1.160   1.00 24.52 ? 7   DT  A "O4'" 1 
ATOM   127 C "C3'" . DT  A 1 7  ? -7.677  -3.961  1.408   1.00 26.84 ? 7   DT  A "C3'" 1 
ATOM   128 O "O3'" . DT  A 1 7  ? -8.118  -3.845  2.777   1.00 30.19 ? 7   DT  A "O3'" 1 
ATOM   129 C "C2'" . DT  A 1 7  ? -7.908  -2.849  0.405   1.00 23.94 ? 7   DT  A "C2'" 1 
ATOM   130 C "C1'" . DT  A 1 7  ? -6.737  -1.891  0.672   1.00 19.57 ? 7   DT  A "C1'" 1 
ATOM   131 N N1    . DT  A 1 7  ? -6.221  -1.067  -0.439  1.00 13.79 ? 7   DT  A N1    1 
ATOM   132 C C2    . DT  A 1 7  ? -5.670  0.178   -0.135  1.00 12.15 ? 7   DT  A C2    1 
ATOM   133 O O2    . DT  A 1 7  ? -5.515  0.620   1.029   1.00 12.35 ? 7   DT  A O2    1 
ATOM   134 N N3    . DT  A 1 7  ? -5.291  0.908   -1.214  1.00 7.47  ? 7   DT  A N3    1 
ATOM   135 C C4    . DT  A 1 7  ? -5.379  0.560   -2.516  1.00 8.90  ? 7   DT  A C4    1 
ATOM   136 O O4    . DT  A 1 7  ? -4.989  1.333   -3.394  1.00 9.68  ? 7   DT  A O4    1 
ATOM   137 C C5    . DT  A 1 7  ? -5.941  -0.727  -2.777  1.00 8.96  ? 7   DT  A C5    1 
ATOM   138 C C7    . DT  A 1 7  ? -6.116  -1.137  -4.204  1.00 6.52  ? 7   DT  A C7    1 
ATOM   139 C C6    . DT  A 1 7  ? -6.307  -1.490  -1.732  1.00 11.32 ? 7   DT  A C6    1 
ATOM   140 P P     . DG  A 1 8  ? -9.662  -3.577  3.167   1.00 32.52 ? 8   DG  A P     1 
ATOM   141 O OP1   . DG  A 1 8  ? -9.801  -4.024  4.586   1.00 31.47 ? 8   DG  A OP1   1 
ATOM   142 O OP2   . DG  A 1 8  ? -10.591 -4.111  2.121   1.00 31.95 ? 8   DG  A OP2   1 
ATOM   143 O "O5'" . DG  A 1 8  ? -9.633  -1.983  3.243   1.00 30.80 ? 8   DG  A "O5'" 1 
ATOM   144 C "C5'" . DG  A 1 8  ? -8.903  -1.401  4.320   1.00 27.25 ? 8   DG  A "C5'" 1 
ATOM   145 C "C4'" . DG  A 1 8  ? -9.307  0.036   4.564   1.00 24.65 ? 8   DG  A "C4'" 1 
ATOM   146 O "O4'" . DG  A 1 8  ? -8.747  0.873   3.514   1.00 22.96 ? 8   DG  A "O4'" 1 
ATOM   147 C "C3'" . DG  A 1 8  ? -10.825 0.291   4.518   1.00 23.46 ? 8   DG  A "C3'" 1 
ATOM   148 O "O3'" . DG  A 1 8  ? -11.116 1.281   5.531   1.00 24.79 ? 8   DG  A "O3'" 1 
ATOM   149 C "C2'" . DG  A 1 8  ? -11.056 0.649   3.062   1.00 21.92 ? 8   DG  A "C2'" 1 
ATOM   150 C "C1'" . DG  A 1 8  ? -9.786  1.418   2.747   1.00 18.54 ? 8   DG  A "C1'" 1 
ATOM   151 N N9    . DG  A 1 8  ? -9.379  1.501   1.405   1.00 13.99 ? 8   DG  A N9    1 
ATOM   152 C C8    . DG  A 1 8  ? -9.604  0.614   0.393   1.00 12.31 ? 8   DG  A C8    1 
ATOM   153 N N7    . DG  A 1 8  ? -9.140  1.039   -0.755  1.00 11.02 ? 8   DG  A N7    1 
ATOM   154 C C5    . DG  A 1 8  ? -8.595  2.268   -0.465  1.00 10.23 ? 8   DG  A C5    1 
ATOM   155 C C6    . DG  A 1 8  ? -7.978  3.162   -1.287  1.00 11.00 ? 8   DG  A C6    1 
ATOM   156 O O6    . DG  A 1 8  ? -7.799  3.079   -2.519  1.00 12.24 ? 8   DG  A O6    1 
ATOM   157 N N1    . DG  A 1 8  ? -7.530  4.274   -0.599  1.00 9.34  ? 8   DG  A N1    1 
ATOM   158 C C2    . DG  A 1 8  ? -7.688  4.496   0.720   1.00 10.70 ? 8   DG  A C2    1 
ATOM   159 N N2    . DG  A 1 8  ? -7.195  5.665   1.187   1.00 11.80 ? 8   DG  A N2    1 
ATOM   160 N N3    . DG  A 1 8  ? -8.285  3.642   1.530   1.00 11.08 ? 8   DG  A N3    1 
ATOM   161 C C4    . DG  A 1 8  ? -8.711  2.558   0.865   1.00 11.74 ? 8   DG  A C4    1 
ATOM   162 P P     . DC  A 1 9  ? -12.567 1.954   5.706   1.00 25.25 ? 9   DC  A P     1 
ATOM   163 O OP1   . DC  A 1 9  ? -12.544 2.169   7.161   1.00 24.81 ? 9   DC  A OP1   1 
ATOM   164 O OP2   . DC  A 1 9  ? -13.609 1.077   5.098   1.00 24.48 ? 9   DC  A OP2   1 
ATOM   165 O "O5'" . DC  A 1 9  ? -12.366 3.391   5.023   1.00 23.32 ? 9   DC  A "O5'" 1 
ATOM   166 C "C5'" . DC  A 1 9  ? -11.409 4.264   5.634   1.00 21.66 ? 9   DC  A "C5'" 1 
ATOM   167 C "C4'" . DC  A 1 9  ? -11.398 5.661   5.053   1.00 21.62 ? 9   DC  A "C4'" 1 
ATOM   168 O "O4'" . DC  A 1 9  ? -10.818 5.679   3.714   1.00 19.67 ? 9   DC  A "O4'" 1 
ATOM   169 C "C3'" . DC  A 1 9  ? -12.794 6.263   4.883   1.00 22.08 ? 9   DC  A "C3'" 1 
ATOM   170 O "O3'" . DC  A 1 9  ? -12.665 7.692   4.891   1.00 26.30 ? 9   DC  A "O3'" 1 
ATOM   171 C "C2'" . DC  A 1 9  ? -13.139 5.852   3.464   1.00 20.25 ? 9   DC  A "C2'" 1 
ATOM   172 C "C1'" . DC  A 1 9  ? -11.804 6.040   2.764   1.00 16.12 ? 9   DC  A "C1'" 1 
ATOM   173 N N1    . DC  A 1 9  ? -11.653 5.273   1.537   1.00 10.99 ? 9   DC  A N1    1 
ATOM   174 C C2    . DC  A 1 9  ? -11.055 5.869   0.470   1.00 10.22 ? 9   DC  A C2    1 
ATOM   175 O O2    . DC  A 1 9  ? -10.573 7.004   0.630   1.00 10.85 ? 9   DC  A O2    1 
ATOM   176 N N3    . DC  A 1 9  ? -11.011 5.196   -0.731  1.00 8.86  ? 9   DC  A N3    1 
ATOM   177 C C4    . DC  A 1 9  ? -11.528 3.943   -0.811  1.00 9.15  ? 9   DC  A C4    1 
ATOM   178 N N4    . DC  A 1 9  ? -11.487 3.270   -1.998  1.00 7.49  ? 9   DC  A N4    1 
ATOM   179 C C5    . DC  A 1 9  ? -12.099 3.305   0.312   1.00 7.87  ? 9   DC  A C5    1 
ATOM   180 C C6    . DC  A 1 9  ? -12.140 4.005   1.444   1.00 9.92  ? 9   DC  A C6    1 
ATOM   181 P P     . DG  A 1 10 ? -13.881 8.618   5.399   1.00 29.55 ? 10  DG  A P     1 
ATOM   182 O OP1   . DG  A 1 10 ? -13.344 10.009  5.431   1.00 29.15 ? 10  DG  A OP1   1 
ATOM   183 O OP2   . DG  A 1 10 ? -14.476 8.027   6.622   1.00 28.39 ? 10  DG  A OP2   1 
ATOM   184 O "O5'" . DG  A 1 10 ? -14.938 8.534   4.209   1.00 29.99 ? 10  DG  A "O5'" 1 
ATOM   185 C "C5'" . DG  A 1 10 ? -14.547 8.871   2.877   1.00 31.09 ? 10  DG  A "C5'" 1 
ATOM   186 C "C4'" . DG  A 1 10 ? -15.736 8.833   1.940   1.00 32.18 ? 10  DG  A "C4'" 1 
ATOM   187 O "O4'" . DG  A 1 10 ? -16.163 7.466   1.782   1.00 32.60 ? 10  DG  A "O4'" 1 
ATOM   188 C "C3'" . DG  A 1 10 ? -16.962 9.632   2.389   1.00 32.39 ? 10  DG  A "C3'" 1 
ATOM   189 O "O3'" . DG  A 1 10 ? -17.495 10.482  1.402   1.00 34.10 ? 10  DG  A "O3'" 1 
ATOM   190 C "C2'" . DG  A 1 10 ? -17.999 8.591   2.736   1.00 32.77 ? 10  DG  A "C2'" 1 
ATOM   191 C "C1'" . DG  A 1 10 ? -17.463 7.250   2.286   1.00 33.15 ? 10  DG  A "C1'" 1 
ATOM   192 N N9    . DG  A 1 10 ? -17.335 6.427   3.459   1.00 34.36 ? 10  DG  A N9    1 
ATOM   193 C C8    . DG  A 1 10 ? -17.636 6.801   4.749   1.00 34.90 ? 10  DG  A C8    1 
ATOM   194 N N7    . DG  A 1 10 ? -17.429 5.865   5.626   1.00 35.53 ? 10  DG  A N7    1 
ATOM   195 C C5    . DG  A 1 10 ? -16.949 4.803   4.878   1.00 36.22 ? 10  DG  A C5    1 
ATOM   196 C C6    . DG  A 1 10 ? -16.547 3.509   5.292   1.00 36.86 ? 10  DG  A C6    1 
ATOM   197 O O6    . DG  A 1 10 ? -16.532 3.037   6.457   1.00 37.05 ? 10  DG  A O6    1 
ATOM   198 N N1    . DG  A 1 10 ? -16.142 2.732   4.211   1.00 36.71 ? 10  DG  A N1    1 
ATOM   199 C C2    . DG  A 1 10 ? -16.113 3.151   2.884   1.00 36.41 ? 10  DG  A C2    1 
ATOM   200 N N2    . DG  A 1 10 ? -15.701 2.219   1.949   1.00 36.53 ? 10  DG  A N2    1 
ATOM   201 N N3    . DG  A 1 10 ? -16.464 4.375   2.490   1.00 36.12 ? 10  DG  A N3    1 
ATOM   202 C C4    . DG  A 1 10 ? -16.881 5.133   3.531   1.00 35.68 ? 10  DG  A C4    1 
ATOM   203 O "O5'" . DG  B 1 2  ? -8.222  13.545  -5.251  1.00 44.25 ? 12  DG  B "O5'" 1 
ATOM   204 C "C5'" . DG  B 1 2  ? -8.361  12.209  -5.838  1.00 42.12 ? 12  DG  B "C5'" 1 
ATOM   205 C "C4'" . DG  B 1 2  ? -7.054  11.447  -5.810  1.00 40.23 ? 12  DG  B "C4'" 1 
ATOM   206 O "O4'" . DG  B 1 2  ? -7.343  10.119  -5.322  1.00 38.25 ? 12  DG  B "O4'" 1 
ATOM   207 C "C3'" . DG  B 1 2  ? -6.547  11.277  -7.233  1.00 40.23 ? 12  DG  B "C3'" 1 
ATOM   208 O "O3'" . DG  B 1 2  ? -5.099  11.317  -7.425  1.00 42.80 ? 12  DG  B "O3'" 1 
ATOM   209 C "C2'" . DG  B 1 2  ? -7.217  9.984   -7.670  1.00 38.37 ? 12  DG  B "C2'" 1 
ATOM   210 C "C1'" . DG  B 1 2  ? -7.183  9.212   -6.363  1.00 35.44 ? 12  DG  B "C1'" 1 
ATOM   211 N N9    . DG  B 1 2  ? -8.002  8.060   -6.105  1.00 31.49 ? 12  DG  B N9    1 
ATOM   212 C C8    . DG  B 1 2  ? -8.295  7.073   -7.007  1.00 30.70 ? 12  DG  B C8    1 
ATOM   213 N N7    . DG  B 1 2  ? -8.958  6.081   -6.473  1.00 30.43 ? 12  DG  B N7    1 
ATOM   214 C C5    . DG  B 1 2  ? -9.151  6.455   -5.141  1.00 28.77 ? 12  DG  B C5    1 
ATOM   215 C C6    . DG  B 1 2  ? -9.804  5.773   -4.090  1.00 28.14 ? 12  DG  B C6    1 
ATOM   216 O O6    . DG  B 1 2  ? -10.362 4.649   -4.130  1.00 29.08 ? 12  DG  B O6    1 
ATOM   217 N N1    . DG  B 1 2  ? -9.765  6.489   -2.895  1.00 25.35 ? 12  DG  B N1    1 
ATOM   218 C C2    . DG  B 1 2  ? -9.163  7.704   -2.739  1.00 25.44 ? 12  DG  B C2    1 
ATOM   219 N N2    . DG  B 1 2  ? -9.204  8.229   -1.500  1.00 24.59 ? 12  DG  B N2    1 
ATOM   220 N N3    . DG  B 1 2  ? -8.547  8.355   -3.720  1.00 27.23 ? 12  DG  B N3    1 
ATOM   221 C C4    . DG  B 1 2  ? -8.581  7.681   -4.895  1.00 29.42 ? 12  DG  B C4    1 
ATOM   222 P P     . DC  B 1 3  ? -4.009  11.475  -6.195  1.00 45.50 ? 13  DC  B P     1 
ATOM   223 O OP1   . DC  B 1 3  ? -3.654  12.936  -6.141  1.00 45.01 ? 13  DC  B OP1   1 
ATOM   224 O OP2   . DC  B 1 3  ? -2.926  10.452  -6.372  1.00 45.84 ? 13  DC  B OP2   1 
ATOM   225 O "O5'" . DC  B 1 3  ? -4.678  11.289  -4.757  1.00 42.15 ? 13  DC  B "O5'" 1 
ATOM   226 C "C5'" . DC  B 1 3  ? -4.651  12.382  -3.873  1.00 38.18 ? 13  DC  B "C5'" 1 
ATOM   227 C "C4'" . DC  B 1 3  ? -4.722  11.945  -2.433  1.00 35.87 ? 13  DC  B "C4'" 1 
ATOM   228 O "O4'" . DC  B 1 3  ? -5.478  10.711  -2.273  1.00 34.35 ? 13  DC  B "O4'" 1 
ATOM   229 C "C3'" . DC  B 1 3  ? -3.364  11.609  -1.844  1.00 35.29 ? 13  DC  B "C3'" 1 
ATOM   230 O "O3'" . DC  B 1 3  ? -3.426  12.000  -0.460  1.00 37.79 ? 13  DC  B "O3'" 1 
ATOM   231 C "C2'" . DC  B 1 3  ? -3.240  10.115  -2.060  1.00 33.28 ? 13  DC  B "C2'" 1 
ATOM   232 C "C1'" . DC  B 1 3  ? -4.651  9.662   -1.792  1.00 30.99 ? 13  DC  B "C1'" 1 
ATOM   233 N N1    . DC  B 1 3  ? -5.089  8.372   -2.374  1.00 27.00 ? 13  DC  B N1    1 
ATOM   234 C C2    . DC  B 1 3  ? -5.767  7.424   -1.575  1.00 25.54 ? 13  DC  B C2    1 
ATOM   235 O O2    . DC  B 1 3  ? -6.028  7.669   -0.376  1.00 25.52 ? 13  DC  B O2    1 
ATOM   236 N N3    . DC  B 1 3  ? -6.128  6.253   -2.124  1.00 23.73 ? 13  DC  B N3    1 
ATOM   237 C C4    . DC  B 1 3  ? -5.842  6.000   -3.387  1.00 23.40 ? 13  DC  B C4    1 
ATOM   238 N N4    . DC  B 1 3  ? -6.210  4.845   -3.869  1.00 23.39 ? 13  DC  B N4    1 
ATOM   239 C C5    . DC  B 1 3  ? -5.168  6.932   -4.217  1.00 23.54 ? 13  DC  B C5    1 
ATOM   240 C C6    . DC  B 1 3  ? -4.821  8.096   -3.672  1.00 25.28 ? 13  DC  B C6    1 
ATOM   241 P P     . DA  B 1 4  ? -2.095  11.968  0.463   1.00 40.46 ? 14  DA  B P     1 
ATOM   242 O OP1   . DA  B 1 4  ? -2.164  12.940  1.590   1.00 40.16 ? 14  DA  B OP1   1 
ATOM   243 O OP2   . DA  B 1 4  ? -0.958  12.021  -0.510  1.00 40.37 ? 14  DA  B OP2   1 
ATOM   244 O "O5'" . DA  B 1 4  ? -2.208  10.545  1.162   1.00 38.50 ? 14  DA  B "O5'" 1 
ATOM   245 C "C5'" . DA  B 1 4  ? -3.349  10.333  1.945   1.00 35.47 ? 14  DA  B "C5'" 1 
ATOM   246 C "C4'" . DA  B 1 4  ? -3.144  9.163   2.853   1.00 33.32 ? 14  DA  B "C4'" 1 
ATOM   247 O "O4'" . DA  B 1 4  ? -3.427  7.932   2.166   1.00 31.92 ? 14  DA  B "O4'" 1 
ATOM   248 C "C3'" . DA  B 1 4  ? -1.709  9.025   3.303   1.00 33.04 ? 14  DA  B "C3'" 1 
ATOM   249 O "O3'" . DA  B 1 4  ? -1.851  8.483   4.585   1.00 34.92 ? 14  DA  B "O3'" 1 
ATOM   250 C "C2'" . DA  B 1 4  ? -1.083  8.116   2.254   1.00 30.47 ? 14  DA  B "C2'" 1 
ATOM   251 C "C1'" . DA  B 1 4  ? -2.237  7.193   1.935   1.00 27.58 ? 14  DA  B "C1'" 1 
ATOM   252 N N9    . DA  B 1 4  ? -2.343  6.610   0.609   1.00 22.17 ? 14  DA  B N9    1 
ATOM   253 C C8    . DA  B 1 4  ? -1.861  7.018   -0.614  1.00 20.14 ? 14  DA  B C8    1 
ATOM   254 N N7    . DA  B 1 4  ? -2.175  6.204   -1.598  1.00 19.10 ? 14  DA  B N7    1 
ATOM   255 C C5    . DA  B 1 4  ? -2.907  5.198   -0.976  1.00 17.64 ? 14  DA  B C5    1 
ATOM   256 C C6    . DA  B 1 4  ? -3.521  4.038   -1.452  1.00 16.64 ? 14  DA  B C6    1 
ATOM   257 N N6    . DA  B 1 4  ? -3.519  3.664   -2.739  1.00 17.65 ? 14  DA  B N6    1 
ATOM   258 N N1    . DA  B 1 4  ? -4.161  3.266   -0.564  1.00 16.21 ? 14  DA  B N1    1 
ATOM   259 C C2    . DA  B 1 4  ? -4.212  3.650   0.707   1.00 16.56 ? 14  DA  B C2    1 
ATOM   260 N N3    . DA  B 1 4  ? -3.693  4.714   1.277   1.00 16.82 ? 14  DA  B N3    1 
ATOM   261 C C4    . DA  B 1 4  ? -3.032  5.451   0.374   1.00 18.92 ? 14  DA  B C4    1 
ATOM   262 P P     . DA  B 1 5  ? -0.579  8.238   5.475   1.00 36.48 ? 15  DA  B P     1 
ATOM   263 O OP1   . DA  B 1 5  ? -0.752  9.144   6.637   1.00 36.64 ? 15  DA  B OP1   1 
ATOM   264 O OP2   . DA  B 1 5  ? 0.620   8.348   4.598   1.00 36.70 ? 15  DA  B OP2   1 
ATOM   265 O "O5'" . DA  B 1 5  ? -0.787  6.724   5.886   1.00 35.43 ? 15  DA  B "O5'" 1 
ATOM   266 C "C5'" . DA  B 1 5  ? -1.853  6.439   6.759   1.00 32.43 ? 15  DA  B "C5'" 1 
ATOM   267 C "C4'" . DA  B 1 5  ? -2.137  4.962   6.786   1.00 31.31 ? 15  DA  B "C4'" 1 
ATOM   268 O "O4'" . DA  B 1 5  ? -2.298  4.464   5.423   1.00 29.78 ? 15  DA  B "O4'" 1 
ATOM   269 C "C3'" . DA  B 1 5  ? -0.974  4.151   7.350   1.00 31.34 ? 15  DA  B "C3'" 1 
ATOM   270 O "O3'" . DA  B 1 5  ? -1.576  3.095   8.083   1.00 34.40 ? 15  DA  B "O3'" 1 
ATOM   271 C "C2'" . DA  B 1 5  ? -0.158  3.761   6.126   1.00 29.04 ? 15  DA  B "C2'" 1 
ATOM   272 C "C1'" . DA  B 1 5  ? -1.234  3.560   5.081   1.00 26.14 ? 15  DA  B "C1'" 1 
ATOM   273 N N9    . DA  B 1 5  ? -0.890  3.708   3.631   1.00 20.57 ? 15  DA  B N9    1 
ATOM   274 C C8    . DA  B 1 5  ? -0.216  4.694   2.986   1.00 19.30 ? 15  DA  B C8    1 
ATOM   275 N N7    . DA  B 1 5  ? -0.056  4.468   1.699   1.00 17.41 ? 15  DA  B N7    1 
ATOM   276 C C5    . DA  B 1 5  ? -0.682  3.261   1.493   1.00 15.49 ? 15  DA  B C5    1 
ATOM   277 C C6    . DA  B 1 5  ? -0.873  2.497   0.362   1.00 15.74 ? 15  DA  B C6    1 
ATOM   278 N N6    . DA  B 1 5  ? -0.463  2.856   -0.875  1.00 15.35 ? 15  DA  B N6    1 
ATOM   279 N N1    . DA  B 1 5  ? -1.515  1.331   0.500   1.00 15.47 ? 15  DA  B N1    1 
ATOM   280 C C2    . DA  B 1 5  ? -1.955  0.989   1.704   1.00 16.20 ? 15  DA  B C2    1 
ATOM   281 N N3    . DA  B 1 5  ? -1.869  1.644   2.843   1.00 16.69 ? 15  DA  B N3    1 
ATOM   282 C C4    . DA  B 1 5  ? -1.203  2.788   2.664   1.00 17.16 ? 15  DA  B C4    1 
ATOM   283 P P     . DT  B 1 6  ? -0.702  1.920   8.690   1.00 36.71 ? 16  DT  B P     1 
ATOM   284 O OP1   . DT  B 1 6  ? -1.457  1.407   9.868   1.00 36.61 ? 16  DT  B OP1   1 
ATOM   285 O OP2   . DT  B 1 6  ? 0.677   2.426   8.836   1.00 37.79 ? 16  DT  B OP2   1 
ATOM   286 O "O5'" . DT  B 1 6  ? -0.722  0.829   7.547   1.00 35.87 ? 16  DT  B "O5'" 1 
ATOM   287 C "C5'" . DT  B 1 6  ? -1.974  0.299   7.214   1.00 34.59 ? 16  DT  B "C5'" 1 
ATOM   288 C "C4'" . DT  B 1 6  ? -1.859  -0.971  6.414   1.00 32.86 ? 16  DT  B "C4'" 1 
ATOM   289 O "O4'" . DT  B 1 6  ? -1.342  -0.681  5.088   1.00 32.18 ? 16  DT  B "O4'" 1 
ATOM   290 C "C3'" . DT  B 1 6  ? -0.865  -1.965  7.011   1.00 32.98 ? 16  DT  B "C3'" 1 
ATOM   291 O "O3'" . DT  B 1 6  ? -1.412  -3.290  6.921   1.00 34.16 ? 16  DT  B "O3'" 1 
ATOM   292 C "C2'" . DT  B 1 6  ? 0.445   -1.669  6.274   1.00 31.01 ? 16  DT  B "C2'" 1 
ATOM   293 C "C1'" . DT  B 1 6  ? -0.067  -1.305  4.898   1.00 29.22 ? 16  DT  B "C1'" 1 
ATOM   294 N N1    . DT  B 1 6  ? 0.698   -0.519  3.893   1.00 26.29 ? 16  DT  B N1    1 
ATOM   295 C C2    . DT  B 1 6  ? 0.606   -0.996  2.598   1.00 24.66 ? 16  DT  B C2    1 
ATOM   296 O O2    . DT  B 1 6  ? 0.005   -2.007  2.311   1.00 23.44 ? 16  DT  B O2    1 
ATOM   297 N N3    . DT  B 1 6  ? 1.246   -0.246  1.654   1.00 23.80 ? 16  DT  B N3    1 
ATOM   298 C C4    . DT  B 1 6  ? 1.966   0.905   1.879   1.00 24.35 ? 16  DT  B C4    1 
ATOM   299 O O4    . DT  B 1 6  ? 2.477   1.495   0.918   1.00 26.01 ? 16  DT  B O4    1 
ATOM   300 C C5    . DT  B 1 6  ? 2.056   1.338   3.251   1.00 23.75 ? 16  DT  B C5    1 
ATOM   301 C C7    . DT  B 1 6  ? 2.840   2.573   3.544   1.00 23.59 ? 16  DT  B C7    1 
ATOM   302 C C6    . DT  B 1 6  ? 1.427   0.616   4.195   1.00 24.66 ? 16  DT  B C6    1 
ATOM   303 P P     . DT  B 1 7  ? -0.584  -4.554  7.455   1.00 35.65 ? 17  DT  B P     1 
ATOM   304 O OP1   . DT  B 1 7  ? -1.643  -5.615  7.475   1.00 36.50 ? 17  DT  B OP1   1 
ATOM   305 O OP2   . DT  B 1 7  ? 0.138   -4.217  8.707   1.00 35.55 ? 17  DT  B OP2   1 
ATOM   306 O "O5'" . DT  B 1 7  ? 0.400   -4.767  6.232   1.00 32.72 ? 17  DT  B "O5'" 1 
ATOM   307 C "C5'" . DT  B 1 7  ? -0.186  -4.611  4.975   1.00 29.43 ? 17  DT  B "C5'" 1 
ATOM   308 C "C4'" . DT  B 1 7  ? 0.256   -5.680  4.027   1.00 26.01 ? 17  DT  B "C4'" 1 
ATOM   309 O "O4'" . DT  B 1 7  ? 1.014   -5.100  2.983   1.00 23.40 ? 17  DT  B "O4'" 1 
ATOM   310 C "C3'" . DT  B 1 7  ? 1.125   -6.762  4.610   1.00 26.52 ? 17  DT  B "C3'" 1 
ATOM   311 O "O3'" . DT  B 1 7  ? 0.827   -7.969  3.929   1.00 28.81 ? 17  DT  B "O3'" 1 
ATOM   312 C "C2'" . DT  B 1 7  ? 2.509   -6.193  4.384   1.00 23.58 ? 17  DT  B "C2'" 1 
ATOM   313 C "C1'" . DT  B 1 7  ? 2.358   -5.406  3.095   1.00 20.36 ? 17  DT  B "C1'" 1 
ATOM   314 N N1    . DT  B 1 7  ? 3.028   -4.166  2.983   1.00 15.96 ? 17  DT  B N1    1 
ATOM   315 C C2    . DT  B 1 7  ? 3.374   -3.803  1.735   1.00 14.92 ? 17  DT  B C2    1 
ATOM   316 O O2    . DT  B 1 7  ? 3.143   -4.487  0.770   1.00 15.24 ? 17  DT  B O2    1 
ATOM   317 N N3    . DT  B 1 7  ? 3.995   -2.606  1.626   1.00 14.48 ? 17  DT  B N3    1 
ATOM   318 C C4    . DT  B 1 7  ? 4.301   -1.761  2.640   1.00 14.90 ? 17  DT  B C4    1 
ATOM   319 O O4    . DT  B 1 7  ? 4.888   -0.705  2.393   1.00 17.25 ? 17  DT  B O4    1 
ATOM   320 C C5    . DT  B 1 7  ? 3.908   -2.197  3.932   1.00 14.69 ? 17  DT  B C5    1 
ATOM   321 C C7    . DT  B 1 7  ? 4.228   -1.329  5.103   1.00 14.94 ? 17  DT  B C7    1 
ATOM   322 C C6    . DT  B 1 7  ? 3.287   -3.369  4.043   1.00 15.03 ? 17  DT  B C6    1 
ATOM   323 P P     . DG  B 1 8  ? 1.470   -9.345  4.429   1.00 30.46 ? 18  DG  B P     1 
ATOM   324 O OP1   . DG  B 1 8  ? 0.614   -10.495 3.991   1.00 30.05 ? 18  DG  B OP1   1 
ATOM   325 O OP2   . DG  B 1 8  ? 1.829   -9.177  5.871   1.00 30.57 ? 18  DG  B OP2   1 
ATOM   326 O "O5'" . DG  B 1 8  ? 2.804   -9.399  3.563   1.00 29.74 ? 18  DG  B "O5'" 1 
ATOM   327 C "C5'" . DG  B 1 8  ? 2.654   -9.406  2.165   1.00 27.42 ? 18  DG  B "C5'" 1 
ATOM   328 C "C4'" . DG  B 1 8  ? 3.969   -9.555  1.443   1.00 25.79 ? 18  DG  B "C4'" 1 
ATOM   329 O "O4'" . DG  B 1 8  ? 4.686   -8.282  1.280   1.00 24.42 ? 18  DG  B "O4'" 1 
ATOM   330 C "C3'" . DG  B 1 8  ? 4.958   -10.501 2.109   1.00 25.66 ? 18  DG  B "C3'" 1 
ATOM   331 O "O3'" . DG  B 1 8  ? 5.462   -11.135 0.905   1.00 28.63 ? 18  DG  B "O3'" 1 
ATOM   332 C "C2'" . DG  B 1 8  ? 5.769   -9.533  2.978   1.00 22.11 ? 18  DG  B "C2'" 1 
ATOM   333 C "C1'" . DG  B 1 8  ? 5.853   -8.294  2.060   1.00 19.65 ? 18  DG  B "C1'" 1 
ATOM   334 N N9    . DG  B 1 8  ? 6.168   -6.909  2.524   1.00 15.40 ? 18  DG  B N9    1 
ATOM   335 C C8    . DG  B 1 8  ? 6.138   -6.469  3.807   1.00 12.97 ? 18  DG  B C8    1 
ATOM   336 N N7    . DG  B 1 8  ? 6.583   -5.240  3.935   1.00 12.46 ? 18  DG  B N7    1 
ATOM   337 C C5    . DG  B 1 8  ? 6.890   -4.826  2.643   1.00 10.72 ? 18  DG  B C5    1 
ATOM   338 C C6    . DG  B 1 8  ? 7.413   -3.560  2.167   1.00 10.51 ? 18  DG  B C6    1 
ATOM   339 O O6    . DG  B 1 8  ? 7.682   -2.538  2.803   1.00 9.15  ? 18  DG  B O6    1 
ATOM   340 N N1    . DG  B 1 8  ? 7.600   -3.561  0.789   1.00 10.89 ? 18  DG  B N1    1 
ATOM   341 C C2    . DG  B 1 8  ? 7.295   -4.617  -0.028  1.00 11.99 ? 18  DG  B C2    1 
ATOM   342 N N2    . DG  B 1 8  ? 7.506   -4.423  -1.343  1.00 10.89 ? 18  DG  B N2    1 
ATOM   343 N N3    . DG  B 1 8  ? 6.801   -5.797  0.410   1.00 12.82 ? 18  DG  B N3    1 
ATOM   344 C C4    . DG  B 1 8  ? 6.630   -5.823  1.750   1.00 12.33 ? 18  DG  B C4    1 
ATOM   345 P P     . DC  B 1 9  ? 6.243   -12.532 0.913   1.00 29.12 ? 19  DC  B P     1 
ATOM   346 O OP1   . DC  B 1 9  ? 5.335   -13.521 0.299   1.00 30.70 ? 19  DC  B OP1   1 
ATOM   347 O OP2   . DC  B 1 9  ? 6.816   -12.811 2.246   1.00 30.60 ? 19  DC  B OP2   1 
ATOM   348 O "O5'" . DC  B 1 9  ? 7.298   -12.182 -0.204  1.00 28.37 ? 19  DC  B "O5'" 1 
ATOM   349 C "C5'" . DC  B 1 9  ? 6.730   -12.050 -1.468  1.00 24.56 ? 19  DC  B "C5'" 1 
ATOM   350 C "C4'" . DC  B 1 9  ? 7.524   -11.152 -2.372  1.00 23.93 ? 19  DC  B "C4'" 1 
ATOM   351 O "O4'" . DC  B 1 9  ? 7.738   -9.816  -1.837  1.00 21.29 ? 19  DC  B "O4'" 1 
ATOM   352 C "C3'" . DC  B 1 9  ? 8.925   -11.716 -2.566  1.00 24.80 ? 19  DC  B "C3'" 1 
ATOM   353 O "O3'" . DC  B 1 9  ? 9.294   -11.281 -3.874  1.00 29.50 ? 19  DC  B "O3'" 1 
ATOM   354 C "C2'" . DC  B 1 9  ? 9.723   -10.996 -1.504  1.00 21.15 ? 19  DC  B "C2'" 1 
ATOM   355 C "C1'" . DC  B 1 9  ? 9.121   -9.626  -1.623  1.00 18.01 ? 19  DC  B "C1'" 1 
ATOM   356 N N1    . DC  B 1 9  ? 9.320   -8.781  -0.523  1.00 13.72 ? 19  DC  B N1    1 
ATOM   357 C C2    . DC  B 1 9  ? 9.760   -7.469  -0.719  1.00 11.95 ? 19  DC  B C2    1 
ATOM   358 O O2    . DC  B 1 9  ? 9.938   -7.041  -1.860  1.00 11.50 ? 19  DC  B O2    1 
ATOM   359 N N3    . DC  B 1 9  ? 9.993   -6.694  0.344   1.00 10.05 ? 19  DC  B N3    1 
ATOM   360 C C4    . DC  B 1 9  ? 9.805   -7.167  1.567   1.00 10.74 ? 19  DC  B C4    1 
ATOM   361 N N4    . DC  B 1 9  ? 10.033  -6.361  2.618   1.00 9.29  ? 19  DC  B N4    1 
ATOM   362 C C5    . DC  B 1 9  ? 9.363   -8.484  1.796   1.00 11.90 ? 19  DC  B C5    1 
ATOM   363 C C6    . DC  B 1 9  ? 9.130   -9.254  0.727   1.00 13.38 ? 19  DC  B C6    1 
ATOM   364 P P     . DG  B 1 10 ? 9.887   -12.313 -4.959  1.00 33.69 ? 20  DG  B P     1 
ATOM   365 O OP1   . DG  B 1 10 ? 9.706   -11.741 -6.335  1.00 33.16 ? 20  DG  B OP1   1 
ATOM   366 O OP2   . DG  B 1 10 ? 9.425   -13.710 -4.684  1.00 33.79 ? 20  DG  B OP2   1 
ATOM   367 O "O5'" . DG  B 1 10 ? 11.443  -12.187 -4.629  1.00 34.56 ? 20  DG  B "O5'" 1 
ATOM   368 C "C5'" . DG  B 1 10 ? 12.039  -10.888 -4.586  1.00 36.69 ? 20  DG  B "C5'" 1 
ATOM   369 C "C4'" . DG  B 1 10 ? 13.319  -10.934 -3.792  1.00 38.45 ? 20  DG  B "C4'" 1 
ATOM   370 O "O4'" . DG  B 1 10 ? 13.013  -11.406 -2.436  1.00 39.56 ? 20  DG  B "O4'" 1 
ATOM   371 C "C3'" . DG  B 1 10 ? 14.321  -11.924 -4.398  1.00 38.61 ? 20  DG  B "C3'" 1 
ATOM   372 O "O3'" . DG  B 1 10 ? 15.479  -11.298 -4.961  1.00 38.29 ? 20  DG  B "O3'" 1 
ATOM   373 C "C2'" . DG  B 1 10 ? 14.539  -13.015 -3.358  1.00 39.00 ? 20  DG  B "C2'" 1 
ATOM   374 C "C1'" . DG  B 1 10 ? 13.727  -12.612 -2.106  1.00 38.87 ? 20  DG  B "C1'" 1 
ATOM   375 N N9    . DG  B 1 10 ? 12.729  -13.665 -1.791  1.00 37.64 ? 20  DG  B N9    1 
ATOM   376 C C8    . DG  B 1 10 ? 12.501  -14.786 -2.537  1.00 36.98 ? 20  DG  B C8    1 
ATOM   377 N N7    . DG  B 1 10 ? 11.559  -15.539 -2.047  1.00 37.58 ? 20  DG  B N7    1 
ATOM   378 C C5    . DG  B 1 10 ? 11.134  -14.880 -0.912  1.00 37.34 ? 20  DG  B C5    1 
ATOM   379 C C6    . DG  B 1 10 ? 10.146  -15.218 -0.005  1.00 38.03 ? 20  DG  B C6    1 
ATOM   380 O O6    . DG  B 1 10 ? 9.386   -16.198 -0.025  1.00 39.31 ? 20  DG  B O6    1 
ATOM   381 N N1    . DG  B 1 10 ? 10.049  -14.281 1.011   1.00 37.20 ? 20  DG  B N1    1 
ATOM   382 C C2    . DG  B 1 10 ? 10.821  -13.163 1.103   1.00 36.68 ? 20  DG  B C2    1 
ATOM   383 N N2    . DG  B 1 10 ? 10.597  -12.370 2.111   1.00 37.04 ? 20  DG  B N2    1 
ATOM   384 N N3    . DG  B 1 10 ? 11.739  -12.831 0.247   1.00 37.06 ? 20  DG  B N3    1 
ATOM   385 C C4    . DG  B 1 10 ? 11.853  -13.728 -0.728  1.00 37.46 ? 20  DG  B C4    1 
HETATM 386 C C1    . NT  C 2 .  ? -5.137  5.090   4.607   1.00 33.92 ? 21  NT  B C1    1 
HETATM 387 N N1    . NT  C 2 .  ? -4.409  5.391   3.483   1.00 34.04 ? 21  NT  B N1    1 
HETATM 388 N N2    . NT  C 2 .  ? -5.480  6.094   5.462   1.00 33.86 ? 21  NT  B N2    1 
HETATM 389 N N3    . NT  C 2 .  ? -5.455  3.772   4.753   1.00 34.09 ? 21  NT  B N3    1 
HETATM 390 C C2    . NT  C 2 .  ? -5.053  2.912   3.740   1.00 35.05 ? 21  NT  B C2    1 
HETATM 391 C C3    . NT  C 2 .  ? -5.092  1.536   4.397   1.00 36.60 ? 21  NT  B C3    1 
HETATM 392 O O1    . NT  C 2 .  ? -5.468  1.236   5.560   1.00 37.37 ? 21  NT  B O1    1 
HETATM 393 N N4    . NT  C 2 .  ? -4.619  0.574   3.641   1.00 37.59 ? 21  NT  B N4    1 
HETATM 394 C C4    . NT  C 2 .  ? -4.566  -0.723  4.024   1.00 38.15 ? 21  NT  B C4    1 
HETATM 395 C C5    . NT  C 2 .  ? -3.910  -1.676  3.229   1.00 38.19 ? 21  NT  B C5    1 
HETATM 396 C C6    . NT  C 2 .  ? -4.079  -2.910  3.889   1.00 38.92 ? 21  NT  B C6    1 
HETATM 397 N N5    . NT  C 2 .  ? -4.860  -2.629  5.077   1.00 38.58 ? 21  NT  B N5    1 
HETATM 398 C C8    . NT  C 2 .  ? -5.319  -3.546  6.081   1.00 39.26 ? 21  NT  B C8    1 
HETATM 399 C C7    . NT  C 2 .  ? -5.160  -1.302  5.166   1.00 37.51 ? 21  NT  B C7    1 
HETATM 400 C C9    . NT  C 2 .  ? -3.605  -4.192  3.347   1.00 39.49 ? 21  NT  B C9    1 
HETATM 401 O O2    . NT  C 2 .  ? -3.889  -5.391  3.579   1.00 40.44 ? 21  NT  B O2    1 
HETATM 402 N N6    . NT  C 2 .  ? -2.637  -4.141  2.389   1.00 39.74 ? 21  NT  B N6    1 
HETATM 403 C C10   . NT  C 2 .  ? -2.099  -5.219  1.770   1.00 39.96 ? 21  NT  B C10   1 
HETATM 404 C C11   . NT  C 2 .  ? -1.109  -5.080  0.775   1.00 40.66 ? 21  NT  B C11   1 
HETATM 405 C C12   . NT  C 2 .  ? -0.876  -6.402  0.338   1.00 41.47 ? 21  NT  B C12   1 
HETATM 406 N N7    . NT  C 2 .  ? -1.684  -7.258  1.058   1.00 41.05 ? 21  NT  B N7    1 
HETATM 407 C C14   . NT  C 2 .  ? -1.703  -8.642  0.845   1.00 41.42 ? 21  NT  B C14   1 
HETATM 408 C C13   . NT  C 2 .  ? -2.447  -6.578  1.959   1.00 40.11 ? 21  NT  B C13   1 
HETATM 409 C C15   . NT  C 2 .  ? 0.060   -6.891  -0.647  1.00 42.58 ? 21  NT  B C15   1 
HETATM 410 O O3    . NT  C 2 .  ? 0.199   -8.096  -0.991  1.00 43.99 ? 21  NT  B O3    1 
HETATM 411 N N8    . NT  C 2 .  ? 0.923   -5.928  -1.272  1.00 42.92 ? 21  NT  B N8    1 
HETATM 412 C C16   . NT  C 2 .  ? 1.998   -6.067  -2.328  1.00 43.11 ? 21  NT  B C16   1 
HETATM 413 C C17   . NT  C 2 .  ? 2.613   -7.341  -2.814  1.00 42.74 ? 21  NT  B C17   1 
HETATM 414 C C18   . NT  C 2 .  ? 4.032   -7.453  -2.140  1.00 42.80 ? 21  NT  B C18   1 
HETATM 415 N N9    . NT  C 2 .  ? 4.890   -8.468  -2.497  1.00 42.36 ? 21  NT  B N9    1 
HETATM 416 N N10   . NT  C 2 .  ? 4.410   -6.560  -1.180  1.00 42.39 ? 21  NT  B N10   1 
HETATM 417 O O     . HOH D 3 .  ? 6.733   1.415   3.011   1.00 28.26 ? 23  HOH A O     1 
HETATM 418 O O     . HOH D 3 .  ? -13.674 2.126   10.001  1.00 23.29 ? 24  HOH A O     1 
HETATM 419 O O     . HOH D 3 .  ? -16.346 0.534   6.583   1.00 17.98 ? 25  HOH A O     1 
HETATM 420 O O     . HOH D 3 .  ? 7.390   4.113   -10.737 1.00 55.71 ? 27  HOH A O     1 
HETATM 421 O O     . HOH D 3 .  ? -17.243 9.704   7.035   1.00 61.13 ? 29  HOH A O     1 
HETATM 422 O O     . HOH D 3 .  ? 6.259   1.885   -11.298 1.00 55.67 ? 32  HOH A O     1 
HETATM 423 O O     . HOH D 3 .  ? -0.369  -1.362  -8.562  1.00 35.16 ? 34  HOH A O     1 
HETATM 424 O O     . HOH D 3 .  ? -0.916  3.639   -4.762  1.00 52.10 ? 37  HOH A O     1 
HETATM 425 O O     . HOH D 3 .  ? -16.392 5.560   10.031  1.00 41.47 ? 38  HOH A O     1 
HETATM 426 O O     . HOH D 3 .  ? -7.747  5.059   3.826   1.00 39.63 ? 39  HOH A O     1 
HETATM 427 O O     . HOH D 3 .  ? 4.075   2.543   -9.514  1.00 63.01 ? 40  HOH A O     1 
HETATM 428 O O     . HOH D 3 .  ? -14.279 -0.540  10.848  1.00 66.35 ? 41  HOH A O     1 
HETATM 429 O O     . HOH D 3 .  ? -19.784 3.338   7.341   1.00 19.09 ? 43  HOH A O     1 
HETATM 430 O O     . HOH D 3 .  ? 22.896  -0.370  7.244   1.00 71.31 ? 46  HOH A O     1 
HETATM 431 O O     . HOH D 3 .  ? -12.825 0.487   -1.645  1.00 19.28 ? 47  HOH A O     1 
HETATM 432 O O     . HOH D 3 .  ? -5.528  1.020   -6.236  1.00 32.42 ? 48  HOH A O     1 
HETATM 433 O O     . HOH D 3 .  ? 5.779   2.618   -1.493  1.00 36.39 ? 49  HOH A O     1 
HETATM 434 O O     . HOH D 3 .  ? 15.209  6.752   -0.751  1.00 37.46 ? 50  HOH A O     1 
HETATM 435 O O     . HOH D 3 .  ? -11.138 -4.495  -0.668  1.00 62.09 ? 51  HOH A O     1 
HETATM 436 O O     . HOH D 3 .  ? 0.951   -9.046  -9.215  1.00 56.26 ? 52  HOH A O     1 
HETATM 437 O O     . HOH D 3 .  ? -4.007  -2.459  -6.809  1.00 66.81 ? 54  HOH A O     1 
HETATM 438 O O     . HOH D 3 .  ? 0.836   2.646   -9.284  1.00 52.95 ? 56  HOH A O     1 
HETATM 439 O O     . HOH D 3 .  ? -14.479 -0.762  3.043   1.00 58.85 ? 57  HOH A O     1 
HETATM 440 O O     . HOH D 3 .  ? -15.541 4.982   7.946   1.00 42.35 ? 59  HOH A O     1 
HETATM 441 O O     . HOH D 3 .  ? -1.673  -7.493  -9.869  1.00 63.90 ? 60  HOH A O     1 
HETATM 442 O O     . HOH D 3 .  ? -4.076  -6.626  -10.437 1.00 47.07 ? 61  HOH A O     1 
HETATM 443 O O     . HOH D 3 .  ? 7.999   4.657   -4.099  1.00 54.22 ? 62  HOH A O     1 
HETATM 444 O O     . HOH D 3 .  ? -7.571  -3.826  -3.850  1.00 44.88 ? 66  HOH A O     1 
HETATM 445 O O     . HOH D 3 .  ? 2.495   2.000   -4.365  1.00 37.98 ? 67  HOH A O     1 
HETATM 446 O O     . HOH D 3 .  ? -18.953 0.963   6.514   1.00 24.50 ? 69  HOH A O     1 
HETATM 447 O O     . HOH D 3 .  ? -14.086 10.701  8.647   1.00 57.96 ? 71  HOH A O     1 
HETATM 448 O O     . HOH D 3 .  ? -1.571  -4.041  -11.039 1.00 61.28 ? 78  HOH A O     1 
HETATM 449 O O     . HOH D 3 .  ? -18.511 5.884   8.219   1.00 56.39 ? 79  HOH A O     1 
HETATM 450 O O     . HOH D 3 .  ? -20.859 7.324   8.531   1.00 47.38 ? 84  HOH A O     1 
HETATM 451 O O     . HOH D 3 .  ? 20.764  1.471   4.527   1.00 57.63 ? 88  HOH A O     1 
HETATM 452 O O     . HOH D 3 .  ? 13.579  6.715   -3.721  1.00 47.77 ? 90  HOH A O     1 
HETATM 453 O O     . HOH D 3 .  ? 18.517  2.021   -3.158  1.00 75.92 ? 94  HOH A O     1 
HETATM 454 O O     . HOH D 3 .  ? 20.022  -0.246  7.178   1.00 74.37 ? 95  HOH A O     1 
HETATM 455 O O     . HOH D 3 .  ? 13.363  5.025   0.750   1.00 70.82 ? 98  HOH A O     1 
HETATM 456 O O     . HOH D 3 .  ? -2.599  -0.809  -9.804  1.00 60.97 ? 99  HOH A O     1 
HETATM 457 O O     . HOH D 3 .  ? -11.112 -0.500  8.718   1.00 70.12 ? 100 HOH A O     1 
HETATM 458 O O     . HOH D 3 .  ? 14.691  1.751   10.291  1.00 55.25 ? 106 HOH A O     1 
HETATM 459 O O     . HOH E 3 .  ? -11.657 8.109   -6.720  1.00 33.62 ? 22  HOH B O     1 
HETATM 460 O O     . HOH E 3 .  ? 2.404   -2.212  9.397   1.00 43.05 ? 26  HOH B O     1 
HETATM 461 O O     . HOH E 3 .  ? -1.355  11.355  -12.325 1.00 57.98 ? 28  HOH B O     1 
HETATM 462 O O     . HOH E 3 .  ? -0.076  -10.290 -3.044  1.00 54.45 ? 30  HOH B O     1 
HETATM 463 O O     . HOH E 3 .  ? 1.010   10.305  -3.773  1.00 76.38 ? 31  HOH B O     1 
HETATM 464 O O     . HOH E 3 .  ? -11.046 2.906   -6.893  1.00 62.27 ? 33  HOH B O     1 
HETATM 465 O O     . HOH E 3 .  ? -3.413  -8.690  5.293   1.00 72.91 ? 35  HOH B O     1 
HETATM 466 O O     . HOH E 3 .  ? 2.946   -10.450 -1.939  1.00 49.71 ? 36  HOH B O     1 
HETATM 467 O O     . HOH E 3 .  ? 2.750   4.348   8.644   1.00 69.83 ? 42  HOH B O     1 
HETATM 468 O O     . HOH E 3 .  ? -4.275  5.862   -7.106  1.00 49.49 ? 44  HOH B O     1 
HETATM 469 O O     . HOH E 3 .  ? 5.293   -3.561  11.192  1.00 55.63 ? 45  HOH B O     1 
HETATM 470 O O     . HOH E 3 .  ? 16.870  -9.949  -6.298  1.00 69.71 ? 53  HOH B O     1 
HETATM 471 O O     . HOH E 3 .  ? 15.910  -12.132 -7.825  1.00 59.56 ? 55  HOH B O     1 
HETATM 472 O O     . HOH E 3 .  ? -1.982  6.367   -4.364  1.00 63.21 ? 58  HOH B O     1 
HETATM 473 O O     . HOH E 3 .  ? -11.380 17.724  -11.244 1.00 44.39 ? 63  HOH B O     1 
HETATM 474 O O     . HOH E 3 .  ? 3.256   0.072   7.311   1.00 31.54 ? 64  HOH B O     1 
HETATM 475 O O     . HOH E 3 .  ? -5.026  3.372   14.619  1.00 48.69 ? 65  HOH B O     1 
HETATM 476 O O     . HOH E 3 .  ? 3.758   3.748   1.188   1.00 36.08 ? 68  HOH B O     1 
HETATM 477 O O     . HOH E 3 .  ? 1.632   5.046   -2.868  1.00 57.55 ? 70  HOH B O     1 
HETATM 478 O O     . HOH E 3 .  ? 1.954   8.078   -0.895  1.00 70.30 ? 72  HOH B O     1 
HETATM 479 O O     . HOH E 3 .  ? 1.179   5.195   -0.080  1.00 44.48 ? 73  HOH B O     1 
HETATM 480 O O     . HOH E 3 .  ? -12.472 1.093   -4.997  1.00 70.26 ? 74  HOH B O     1 
HETATM 481 O O     . HOH E 3 .  ? -5.002  11.055  4.849   1.00 36.78 ? 75  HOH B O     1 
HETATM 482 O O     . HOH E 3 .  ? 4.932   7.019   -1.397  1.00 50.65 ? 76  HOH B O     1 
HETATM 483 O O     . HOH E 3 .  ? 3.554   -14.101 10.944  1.00 74.83 ? 77  HOH B O     1 
HETATM 484 O O     . HOH E 3 .  ? 2.536   7.896   2.657   1.00 64.14 ? 80  HOH B O     1 
HETATM 485 O O     . HOH E 3 .  ? 8.194   -10.938 2.250   1.00 62.65 ? 81  HOH B O     1 
HETATM 486 O O     . HOH E 3 .  ? -0.934  3.131   11.933  1.00 61.21 ? 82  HOH B O     1 
HETATM 487 O O     . HOH E 3 .  ? -5.963  11.473  -10.593 1.00 44.57 ? 83  HOH B O     1 
HETATM 488 O O     . HOH E 3 .  ? -3.867  10.075  -11.415 1.00 67.69 ? 85  HOH B O     1 
HETATM 489 O O     . HOH E 3 .  ? -8.258  15.470  -6.633  1.00 57.70 ? 86  HOH B O     1 
HETATM 490 O O     . HOH E 3 .  ? -1.059  -11.398 0.841   1.00 60.18 ? 87  HOH B O     1 
HETATM 491 O O     . HOH E 3 .  ? 1.673   -9.485  -5.247  1.00 58.25 ? 89  HOH B O     1 
HETATM 492 O O     . HOH E 3 .  ? 3.396   -5.353  7.592   1.00 58.45 ? 91  HOH B O     1 
HETATM 493 O O     . HOH E 3 .  ? -13.134 14.945  -13.241 1.00 59.76 ? 92  HOH B O     1 
HETATM 494 O O     . HOH E 3 .  ? -2.337  10.177  -8.982  1.00 52.54 ? 93  HOH B O     1 
HETATM 495 O O     . HOH E 3 .  ? 7.924   -2.722  5.684   1.00 39.44 ? 96  HOH B O     1 
HETATM 496 O O     . HOH E 3 .  ? -1.960  11.765  6.375   1.00 45.93 ? 97  HOH B O     1 
HETATM 497 O O     . HOH E 3 .  ? -11.868 18.513  -13.980 1.00 73.09 ? 101 HOH B O     1 
HETATM 498 O O     . HOH E 3 .  ? -9.662  19.891  -16.871 1.00 53.83 ? 102 HOH B O     1 
HETATM 499 O O     . HOH E 3 .  ? 4.286   -11.730 -4.154  1.00 50.77 ? 103 HOH B O     1 
HETATM 500 O O     . HOH E 3 .  ? -14.056 3.691   -6.986  1.00 53.37 ? 104 HOH B O     1 
HETATM 501 O O     . HOH E 3 .  ? 6.670   -5.985  6.896   1.00 60.19 ? 105 HOH B O     1 
# 
